data_324D
# 
_entry.id   324D 
# 
_audit_conform.dict_name       mmcif_pdbx.dic 
_audit_conform.dict_version    5.387 
_audit_conform.dict_location   http://mmcif.pdb.org/dictionaries/ascii/mmcif_pdbx.dic 
# 
loop_
_database_2.database_id 
_database_2.database_code 
_database_2.pdbx_database_accession 
_database_2.pdbx_DOI 
PDB   324D         pdb_0000324d 10.2210/pdb324d/pdb 
RCSB  ADJB85       ?            ?                   
WWPDB D_1000178793 ?            ?                   
# 
loop_
_pdbx_audit_revision_history.ordinal 
_pdbx_audit_revision_history.data_content_type 
_pdbx_audit_revision_history.major_revision 
_pdbx_audit_revision_history.minor_revision 
_pdbx_audit_revision_history.revision_date 
1 'Structure model' 1 0 1997-05-22 
2 'Structure model' 1 1 2008-05-22 
3 'Structure model' 1 2 2011-07-13 
4 'Structure model' 1 3 2024-02-21 
# 
_pdbx_audit_revision_details.ordinal             1 
_pdbx_audit_revision_details.revision_ordinal    1 
_pdbx_audit_revision_details.data_content_type   'Structure model' 
_pdbx_audit_revision_details.provider            repository 
_pdbx_audit_revision_details.type                'Initial release' 
_pdbx_audit_revision_details.description         ? 
_pdbx_audit_revision_details.details             ? 
# 
loop_
_pdbx_audit_revision_group.ordinal 
_pdbx_audit_revision_group.revision_ordinal 
_pdbx_audit_revision_group.data_content_type 
_pdbx_audit_revision_group.group 
1 2 'Structure model' 'Version format compliance' 
2 3 'Structure model' 'Version format compliance' 
3 4 'Structure model' 'Data collection'           
4 4 'Structure model' 'Database references'       
5 4 'Structure model' 'Derived calculations'      
# 
loop_
_pdbx_audit_revision_category.ordinal 
_pdbx_audit_revision_category.revision_ordinal 
_pdbx_audit_revision_category.data_content_type 
_pdbx_audit_revision_category.category 
1 4 'Structure model' chem_comp_atom 
2 4 'Structure model' chem_comp_bond 
3 4 'Structure model' database_2     
4 4 'Structure model' struct_conn    
5 4 'Structure model' struct_site    
# 
loop_
_pdbx_audit_revision_item.ordinal 
_pdbx_audit_revision_item.revision_ordinal 
_pdbx_audit_revision_item.data_content_type 
_pdbx_audit_revision_item.item 
1 4 'Structure model' '_database_2.pdbx_DOI'                
2 4 'Structure model' '_database_2.pdbx_database_accession' 
3 4 'Structure model' '_struct_conn.pdbx_leaving_atom_flag' 
4 4 'Structure model' '_struct_site.pdbx_auth_asym_id'      
5 4 'Structure model' '_struct_site.pdbx_auth_comp_id'      
6 4 'Structure model' '_struct_site.pdbx_auth_seq_id'       
# 
_pdbx_database_status.status_code                     REL 
_pdbx_database_status.entry_id                        324D 
_pdbx_database_status.recvd_initial_deposition_date   1997-03-17 
_pdbx_database_status.deposit_site                    NDB 
_pdbx_database_status.process_site                    NDB 
_pdbx_database_status.status_code_sf                  REL 
_pdbx_database_status.status_code_mr                  ? 
_pdbx_database_status.SG_entry                        ? 
_pdbx_database_status.pdb_format_compatible           Y 
_pdbx_database_status.status_code_cs                  ? 
_pdbx_database_status.status_code_nmr_data            ? 
_pdbx_database_status.methods_development_category    ? 
# 
loop_
_audit_author.name 
_audit_author.pdbx_ordinal 
'Tippin, D.B.'      1 
'Sundaralingam, M.' 2 
# 
_citation.id                        primary 
_citation.title                     
;Nine polymorphic crystal structures of d(CCGGGCCCGG), d(CCGGGCCm5CGG), d(Cm5CGGGCCm5CGG) and d(CCGGGCC(Br)5CGG) in three different conformations: effects of spermine binding and methylation on the bending and condensation of A-DNA.
;
_citation.journal_abbrev            J.Mol.Biol. 
_citation.journal_volume            267 
_citation.page_first                1171 
_citation.page_last                 1185 
_citation.year                      1997 
_citation.journal_id_ASTM           JMOBAK 
_citation.country                   UK 
_citation.journal_id_ISSN           0022-2836 
_citation.journal_id_CSD            0070 
_citation.book_publisher            ? 
_citation.pdbx_database_id_PubMed   9150405 
_citation.pdbx_database_id_DOI      10.1006/jmbi.1997.0945 
# 
loop_
_citation_author.citation_id 
_citation_author.name 
_citation_author.ordinal 
_citation_author.identifier_ORCID 
primary 'Tippin, D.B.'      1 ? 
primary 'Sundaralingam, M.' 2 ? 
# 
loop_
_entity.id 
_entity.type 
_entity.src_method 
_entity.pdbx_description 
_entity.formula_weight 
_entity.pdbx_number_of_molecules 
_entity.pdbx_ec 
_entity.pdbx_mutation 
_entity.pdbx_fragment 
_entity.details 
1 polymer     syn 
;DNA (5'-D(*CP*CP*GP*GP*GP*CP*CP*(5CM)P*GP*G)-3')
;
3061.008 2  ? ? ? ? 
2 non-polymer syn SPERMINE                                           202.340  2  ? ? ? ? 
3 water       nat water                                              18.015   63 ? ? ? ? 
# 
_entity_poly.entity_id                      1 
_entity_poly.type                           polydeoxyribonucleotide 
_entity_poly.nstd_linkage                   no 
_entity_poly.nstd_monomer                   yes 
_entity_poly.pdbx_seq_one_letter_code       '(DC)(DC)(DG)(DG)(DG)(DC)(DC)(5CM)(DG)(DG)' 
_entity_poly.pdbx_seq_one_letter_code_can   CCGGGCCCGG 
_entity_poly.pdbx_strand_id                 A,B 
_entity_poly.pdbx_target_identifier         ? 
# 
loop_
_pdbx_entity_nonpoly.entity_id 
_pdbx_entity_nonpoly.name 
_pdbx_entity_nonpoly.comp_id 
2 SPERMINE SPM 
3 water    HOH 
# 
loop_
_entity_poly_seq.entity_id 
_entity_poly_seq.num 
_entity_poly_seq.mon_id 
_entity_poly_seq.hetero 
1 1  DC  n 
1 2  DC  n 
1 3  DG  n 
1 4  DG  n 
1 5  DG  n 
1 6  DC  n 
1 7  DC  n 
1 8  5CM n 
1 9  DG  n 
1 10 DG  n 
# 
loop_
_chem_comp.id 
_chem_comp.type 
_chem_comp.mon_nstd_flag 
_chem_comp.name 
_chem_comp.pdbx_synonyms 
_chem_comp.formula 
_chem_comp.formula_weight 
5CM 'DNA linking' n "5-METHYL-2'-DEOXY-CYTIDINE-5'-MONOPHOSPHATE" ? 'C10 H16 N3 O7 P' 321.224 
DC  'DNA linking' y "2'-DEOXYCYTIDINE-5'-MONOPHOSPHATE"           ? 'C9 H14 N3 O7 P'  307.197 
DG  'DNA linking' y "2'-DEOXYGUANOSINE-5'-MONOPHOSPHATE"          ? 'C10 H14 N5 O7 P' 347.221 
HOH non-polymer   . WATER                                         ? 'H2 O'            18.015  
SPM non-polymer   . SPERMINE                                      ? 'C10 H26 N4'      202.340 
# 
loop_
_pdbx_poly_seq_scheme.asym_id 
_pdbx_poly_seq_scheme.entity_id 
_pdbx_poly_seq_scheme.seq_id 
_pdbx_poly_seq_scheme.mon_id 
_pdbx_poly_seq_scheme.ndb_seq_num 
_pdbx_poly_seq_scheme.pdb_seq_num 
_pdbx_poly_seq_scheme.auth_seq_num 
_pdbx_poly_seq_scheme.pdb_mon_id 
_pdbx_poly_seq_scheme.auth_mon_id 
_pdbx_poly_seq_scheme.pdb_strand_id 
_pdbx_poly_seq_scheme.pdb_ins_code 
_pdbx_poly_seq_scheme.hetero 
A 1 1  DC  1  1  1  DC  C  A . n 
A 1 2  DC  2  2  2  DC  C  A . n 
A 1 3  DG  3  3  3  DG  G  A . n 
A 1 4  DG  4  4  4  DG  G  A . n 
A 1 5  DG  5  5  5  DG  G  A . n 
A 1 6  DC  6  6  6  DC  C  A . n 
A 1 7  DC  7  7  7  DC  C  A . n 
A 1 8  5CM 8  8  8  5CM +C A . n 
A 1 9  DG  9  9  9  DG  G  A . n 
A 1 10 DG  10 10 10 DG  G  A . n 
B 1 1  DC  1  11 11 DC  C  B . n 
B 1 2  DC  2  12 12 DC  C  B . n 
B 1 3  DG  3  13 13 DG  G  B . n 
B 1 4  DG  4  14 14 DG  G  B . n 
B 1 5  DG  5  15 15 DG  G  B . n 
B 1 6  DC  6  16 16 DC  C  B . n 
B 1 7  DC  7  17 17 DC  C  B . n 
B 1 8  5CM 8  18 18 5CM +C B . n 
B 1 9  DG  9  19 19 DG  G  B . n 
B 1 10 DG  10 20 20 DG  G  B . n 
# 
loop_
_pdbx_nonpoly_scheme.asym_id 
_pdbx_nonpoly_scheme.entity_id 
_pdbx_nonpoly_scheme.mon_id 
_pdbx_nonpoly_scheme.ndb_seq_num 
_pdbx_nonpoly_scheme.pdb_seq_num 
_pdbx_nonpoly_scheme.auth_seq_num 
_pdbx_nonpoly_scheme.pdb_mon_id 
_pdbx_nonpoly_scheme.auth_mon_id 
_pdbx_nonpoly_scheme.pdb_strand_id 
_pdbx_nonpoly_scheme.pdb_ins_code 
C 2 SPM 1  21 21 SPM SPM A . 
D 2 SPM 1  22 22 SPM SPM A . 
E 3 HOH 1  23 23 HOH HOH A . 
E 3 HOH 2  24 24 HOH HOH A . 
E 3 HOH 3  27 27 HOH HOH A . 
E 3 HOH 4  30 30 HOH HOH A . 
E 3 HOH 5  32 32 HOH HOH A . 
E 3 HOH 6  33 33 HOH HOH A . 
E 3 HOH 7  34 34 HOH HOH A . 
E 3 HOH 8  35 35 HOH HOH A . 
E 3 HOH 9  36 36 HOH HOH A . 
E 3 HOH 10 37 37 HOH HOH A . 
E 3 HOH 11 38 38 HOH HOH A . 
E 3 HOH 12 40 40 HOH HOH A . 
E 3 HOH 13 41 41 HOH HOH A . 
E 3 HOH 14 44 44 HOH HOH A . 
E 3 HOH 15 45 45 HOH HOH A . 
E 3 HOH 16 47 47 HOH HOH A . 
E 3 HOH 17 49 49 HOH HOH A . 
E 3 HOH 18 50 50 HOH HOH A . 
E 3 HOH 19 51 51 HOH HOH A . 
E 3 HOH 20 53 53 HOH HOH A . 
E 3 HOH 21 54 54 HOH HOH A . 
E 3 HOH 22 55 55 HOH HOH A . 
E 3 HOH 23 56 56 HOH HOH A . 
E 3 HOH 24 59 59 HOH HOH A . 
E 3 HOH 25 67 67 HOH HOH A . 
E 3 HOH 26 68 68 HOH HOH A . 
E 3 HOH 27 69 69 HOH HOH A . 
E 3 HOH 28 70 70 HOH HOH A . 
E 3 HOH 29 71 71 HOH HOH A . 
E 3 HOH 30 75 75 HOH HOH A . 
E 3 HOH 31 76 76 HOH HOH A . 
E 3 HOH 32 83 83 HOH HOH A . 
E 3 HOH 33 84 84 HOH HOH A . 
E 3 HOH 34 85 85 HOH HOH A . 
F 3 HOH 1  25 25 HOH HOH B . 
F 3 HOH 2  26 26 HOH HOH B . 
F 3 HOH 3  28 28 HOH HOH B . 
F 3 HOH 4  29 29 HOH HOH B . 
F 3 HOH 5  31 31 HOH HOH B . 
F 3 HOH 6  39 39 HOH HOH B . 
F 3 HOH 7  42 42 HOH HOH B . 
F 3 HOH 8  43 43 HOH HOH B . 
F 3 HOH 9  46 46 HOH HOH B . 
F 3 HOH 10 48 48 HOH HOH B . 
F 3 HOH 11 52 52 HOH HOH B . 
F 3 HOH 12 57 57 HOH HOH B . 
F 3 HOH 13 58 58 HOH HOH B . 
F 3 HOH 14 60 60 HOH HOH B . 
F 3 HOH 15 61 61 HOH HOH B . 
F 3 HOH 16 62 62 HOH HOH B . 
F 3 HOH 17 63 63 HOH HOH B . 
F 3 HOH 18 64 64 HOH HOH B . 
F 3 HOH 19 65 65 HOH HOH B . 
F 3 HOH 20 66 66 HOH HOH B . 
F 3 HOH 21 72 72 HOH HOH B . 
F 3 HOH 22 73 73 HOH HOH B . 
F 3 HOH 23 74 74 HOH HOH B . 
F 3 HOH 24 77 77 HOH HOH B . 
F 3 HOH 25 78 78 HOH HOH B . 
F 3 HOH 26 79 79 HOH HOH B . 
F 3 HOH 27 80 80 HOH HOH B . 
F 3 HOH 28 81 81 HOH HOH B . 
F 3 HOH 29 82 82 HOH HOH B . 
# 
loop_
_software.name 
_software.classification 
_software.version 
_software.citation_id 
_software.pdbx_ordinal 
X-PLOR refinement       .        ? 1 
XENGEN 'data reduction' 'V. 2.0' ? 2 
# 
_cell.entry_id           324D 
_cell.length_a           23.640 
_cell.length_b           40.820 
_cell.length_c           43.440 
_cell.angle_alpha        90.00 
_cell.angle_beta         90.00 
_cell.angle_gamma        90.00 
_cell.Z_PDB              8 
_cell.pdbx_unique_axis   ? 
# 
_symmetry.entry_id                         324D 
_symmetry.space_group_name_H-M             'P 21 21 21' 
_symmetry.pdbx_full_space_group_name_H-M   ? 
_symmetry.cell_setting                     ? 
_symmetry.Int_Tables_number                19 
# 
_exptl.entry_id          324D 
_exptl.method            'X-RAY DIFFRACTION' 
_exptl.crystals_number   ? 
# 
_exptl_crystal.id                    1 
_exptl_crystal.density_meas          ? 
_exptl_crystal.density_Matthews      ? 
_exptl_crystal.density_percent_sol   ? 
_exptl_crystal.description           ? 
# 
_exptl_crystal_grow.crystal_id      1 
_exptl_crystal_grow.method          'VAPOR DIFFUSION, HANGING DROP' 
_exptl_crystal_grow.temp            295.00 
_exptl_crystal_grow.temp_details    ? 
_exptl_crystal_grow.pH              7.00 
_exptl_crystal_grow.pdbx_details    'pH 7.00, VAPOR DIFFUSION, HANGING DROP, temperature 295.00K' 
_exptl_crystal_grow.pdbx_pH_range   ? 
# 
loop_
_exptl_crystal_grow_comp.crystal_id 
_exptl_crystal_grow_comp.id 
_exptl_crystal_grow_comp.sol_id 
_exptl_crystal_grow_comp.name 
_exptl_crystal_grow_comp.volume 
_exptl_crystal_grow_comp.conc 
_exptl_crystal_grow_comp.details 
1 1 1 WATER           ? ? ? 
1 2 1 'NA CACODYLATE' ? ? ? 
1 3 1 'LA NITRATE'    ? ? ? 
1 4 1 SPERMINE_HCL    ? ? ? 
1 5 2 WATER           ? ? ? 
1 6 2 MPD             ? ? ? 
# 
_diffrn.id                     1 
_diffrn.ambient_temp           295.00 
_diffrn.ambient_temp_details   ? 
_diffrn.crystal_id             1 
# 
_diffrn_detector.diffrn_id              1 
_diffrn_detector.detector               'AREA DETECTOR' 
_diffrn_detector.type                   SIEMENS-NICOLET 
_diffrn_detector.pdbx_collection_date   1995-04-01 
_diffrn_detector.details                ? 
# 
_diffrn_radiation.diffrn_id                        1 
_diffrn_radiation.wavelength_id                    1 
_diffrn_radiation.pdbx_monochromatic_or_laue_m_l   M 
_diffrn_radiation.monochromator                    ? 
_diffrn_radiation.pdbx_diffrn_protocol             ? 
_diffrn_radiation.pdbx_scattering_type             x-ray 
# 
_diffrn_radiation_wavelength.id           1 
_diffrn_radiation_wavelength.wavelength   . 
_diffrn_radiation_wavelength.wt           1.0 
# 
_diffrn_source.diffrn_id                   1 
_diffrn_source.source                      'ROTATING ANODE' 
_diffrn_source.type                        ? 
_diffrn_source.pdbx_synchrotron_site       ? 
_diffrn_source.pdbx_synchrotron_beamline   ? 
_diffrn_source.pdbx_wavelength             ? 
_diffrn_source.pdbx_wavelength_list        ? 
# 
_reflns.entry_id                     324D 
_reflns.observed_criterion_sigma_I   2.000 
_reflns.observed_criterion_sigma_F   ? 
_reflns.d_resolution_low             ? 
_reflns.d_resolution_high            2.150 
_reflns.number_obs                   1369 
_reflns.number_all                   ? 
_reflns.percent_possible_obs         77.000 
_reflns.pdbx_Rmerge_I_obs            0.039 
_reflns.pdbx_Rsym_value              ? 
_reflns.pdbx_netI_over_sigmaI        12.600 
_reflns.B_iso_Wilson_estimate        ? 
_reflns.pdbx_redundancy              ? 
_reflns.pdbx_diffrn_id               1 
_reflns.pdbx_ordinal                 1 
# 
_refine.entry_id                                 324D 
_refine.ls_number_reflns_obs                     1369 
_refine.ls_number_reflns_all                     ? 
_refine.pdbx_ls_sigma_I                          ? 
_refine.pdbx_ls_sigma_F                          1.000 
_refine.pdbx_data_cutoff_high_absF               ? 
_refine.pdbx_data_cutoff_low_absF                ? 
_refine.pdbx_data_cutoff_high_rms_absF           ? 
_refine.ls_d_res_low                             8.000 
_refine.ls_d_res_high                            2.150 
_refine.ls_percent_reflns_obs                    ? 
_refine.ls_R_factor_obs                          0.126 
_refine.ls_R_factor_all                          ? 
_refine.ls_R_factor_R_work                       0.126 
_refine.ls_R_factor_R_free                       0.184 
_refine.ls_R_factor_R_free_error                 ? 
_refine.ls_R_factor_R_free_error_details         ? 
_refine.ls_percent_reflns_R_free                 ? 
_refine.ls_number_reflns_R_free                  ? 
_refine.ls_number_parameters                     ? 
_refine.ls_number_restraints                     ? 
_refine.occupancy_min                            ? 
_refine.occupancy_max                            ? 
_refine.B_iso_mean                               ? 
_refine.aniso_B[1][1]                            ? 
_refine.aniso_B[2][2]                            ? 
_refine.aniso_B[3][3]                            ? 
_refine.aniso_B[1][2]                            ? 
_refine.aniso_B[1][3]                            ? 
_refine.aniso_B[2][3]                            ? 
_refine.solvent_model_details                    ? 
_refine.solvent_model_param_ksol                 ? 
_refine.solvent_model_param_bsol                 ? 
_refine.pdbx_ls_cross_valid_method               ? 
_refine.details                                  ? 
_refine.pdbx_starting_model                      ? 
_refine.pdbx_method_to_determine_struct          ? 
_refine.pdbx_isotropic_thermal_model             ? 
_refine.pdbx_stereochemistry_target_values       ? 
_refine.pdbx_stereochem_target_val_spec_case     ? 
_refine.pdbx_R_Free_selection_details            ? 
_refine.pdbx_overall_ESU_R                       ? 
_refine.pdbx_overall_ESU_R_Free                  ? 
_refine.overall_SU_ML                            ? 
_refine.overall_SU_B                             ? 
_refine.pdbx_refine_id                           'X-RAY DIFFRACTION' 
_refine.pdbx_diffrn_id                           1 
_refine.pdbx_TLS_residual_ADP_flag               ? 
_refine.correlation_coeff_Fo_to_Fc               ? 
_refine.correlation_coeff_Fo_to_Fc_free          ? 
_refine.pdbx_solvent_vdw_probe_radii             ? 
_refine.pdbx_solvent_ion_probe_radii             ? 
_refine.pdbx_solvent_shrinkage_radii             ? 
_refine.pdbx_overall_phase_error                 ? 
_refine.overall_SU_R_Cruickshank_DPI             ? 
_refine.pdbx_overall_SU_R_free_Cruickshank_DPI   ? 
_refine.pdbx_overall_SU_R_Blow_DPI               ? 
_refine.pdbx_overall_SU_R_free_Blow_DPI          ? 
# 
_refine_hist.pdbx_refine_id                   'X-RAY DIFFRACTION' 
_refine_hist.cycle_id                         LAST 
_refine_hist.pdbx_number_atoms_protein        0 
_refine_hist.pdbx_number_atoms_nucleic_acid   404 
_refine_hist.pdbx_number_atoms_ligand         30 
_refine_hist.number_atoms_solvent             63 
_refine_hist.number_atoms_total               497 
_refine_hist.d_res_high                       2.150 
_refine_hist.d_res_low                        8.000 
# 
loop_
_refine_ls_restr.type 
_refine_ls_restr.dev_ideal 
_refine_ls_restr.dev_ideal_target 
_refine_ls_restr.weight 
_refine_ls_restr.number 
_refine_ls_restr.pdbx_refine_id 
_refine_ls_restr.pdbx_restraint_function 
x_bond_d                0.010 ? ? ? 'X-RAY DIFFRACTION' ? 
x_bond_d_na             ?     ? ? ? 'X-RAY DIFFRACTION' ? 
x_bond_d_prot           ?     ? ? ? 'X-RAY DIFFRACTION' ? 
x_angle_d               ?     ? ? ? 'X-RAY DIFFRACTION' ? 
x_angle_d_na            ?     ? ? ? 'X-RAY DIFFRACTION' ? 
x_angle_d_prot          ?     ? ? ? 'X-RAY DIFFRACTION' ? 
x_angle_deg             1.82  ? ? ? 'X-RAY DIFFRACTION' ? 
x_angle_deg_na          ?     ? ? ? 'X-RAY DIFFRACTION' ? 
x_angle_deg_prot        ?     ? ? ? 'X-RAY DIFFRACTION' ? 
x_dihedral_angle_d      ?     ? ? ? 'X-RAY DIFFRACTION' ? 
x_dihedral_angle_d_na   ?     ? ? ? 'X-RAY DIFFRACTION' ? 
x_dihedral_angle_d_prot ?     ? ? ? 'X-RAY DIFFRACTION' ? 
x_improper_angle_d      ?     ? ? ? 'X-RAY DIFFRACTION' ? 
x_improper_angle_d_na   ?     ? ? ? 'X-RAY DIFFRACTION' ? 
x_improper_angle_d_prot ?     ? ? ? 'X-RAY DIFFRACTION' ? 
x_mcbond_it             ?     ? ? ? 'X-RAY DIFFRACTION' ? 
x_mcangle_it            ?     ? ? ? 'X-RAY DIFFRACTION' ? 
x_scbond_it             ?     ? ? ? 'X-RAY DIFFRACTION' ? 
x_scangle_it            ?     ? ? ? 'X-RAY DIFFRACTION' ? 
# 
_struct.entry_id                  324D 
_struct.title                     'CRYSTAL STRUCTURES OF D(CCGGGCCM5CGG)-ORTHOGONAL FORM' 
_struct.pdbx_model_details        ? 
_struct.pdbx_CASP_flag            ? 
_struct.pdbx_model_type_details   ? 
# 
_struct_keywords.entry_id        324D 
_struct_keywords.pdbx_keywords   DNA 
_struct_keywords.text            'A-DNA, DOUBLE HELIX, MODIFIED, DNA' 
# 
loop_
_struct_asym.id 
_struct_asym.pdbx_blank_PDB_chainid_flag 
_struct_asym.pdbx_modified 
_struct_asym.entity_id 
_struct_asym.details 
A N N 1 ? 
B N N 1 ? 
C N N 2 ? 
D N N 2 ? 
E N N 3 ? 
F N N 3 ? 
# 
_struct_ref.id                         1 
_struct_ref.entity_id                  1 
_struct_ref.db_name                    PDB 
_struct_ref.db_code                    324D 
_struct_ref.pdbx_db_accession          324D 
_struct_ref.pdbx_db_isoform            ? 
_struct_ref.pdbx_seq_one_letter_code   ? 
_struct_ref.pdbx_align_begin           ? 
# 
loop_
_struct_ref_seq.align_id 
_struct_ref_seq.ref_id 
_struct_ref_seq.pdbx_PDB_id_code 
_struct_ref_seq.pdbx_strand_id 
_struct_ref_seq.seq_align_beg 
_struct_ref_seq.pdbx_seq_align_beg_ins_code 
_struct_ref_seq.seq_align_end 
_struct_ref_seq.pdbx_seq_align_end_ins_code 
_struct_ref_seq.pdbx_db_accession 
_struct_ref_seq.db_align_beg 
_struct_ref_seq.pdbx_db_align_beg_ins_code 
_struct_ref_seq.db_align_end 
_struct_ref_seq.pdbx_db_align_end_ins_code 
_struct_ref_seq.pdbx_auth_seq_align_beg 
_struct_ref_seq.pdbx_auth_seq_align_end 
1 1 324D A 1 ? 10 ? 324D 1  ? 10 ? 1  10 
2 1 324D B 1 ? 10 ? 324D 11 ? 20 ? 11 20 
# 
_pdbx_struct_assembly.id                   1 
_pdbx_struct_assembly.details              author_defined_assembly 
_pdbx_struct_assembly.method_details       ? 
_pdbx_struct_assembly.oligomeric_details   dimeric 
_pdbx_struct_assembly.oligomeric_count     2 
# 
_pdbx_struct_assembly_gen.assembly_id       1 
_pdbx_struct_assembly_gen.oper_expression   1 
_pdbx_struct_assembly_gen.asym_id_list      A,B,C,D,E,F 
# 
_pdbx_struct_oper_list.id                   1 
_pdbx_struct_oper_list.type                 'identity operation' 
_pdbx_struct_oper_list.name                 1_555 
_pdbx_struct_oper_list.symmetry_operation   x,y,z 
_pdbx_struct_oper_list.matrix[1][1]         1.0000000000 
_pdbx_struct_oper_list.matrix[1][2]         0.0000000000 
_pdbx_struct_oper_list.matrix[1][3]         0.0000000000 
_pdbx_struct_oper_list.vector[1]            0.0000000000 
_pdbx_struct_oper_list.matrix[2][1]         0.0000000000 
_pdbx_struct_oper_list.matrix[2][2]         1.0000000000 
_pdbx_struct_oper_list.matrix[2][3]         0.0000000000 
_pdbx_struct_oper_list.vector[2]            0.0000000000 
_pdbx_struct_oper_list.matrix[3][1]         0.0000000000 
_pdbx_struct_oper_list.matrix[3][2]         0.0000000000 
_pdbx_struct_oper_list.matrix[3][3]         1.0000000000 
_pdbx_struct_oper_list.vector[3]            0.0000000000 
# 
_struct_biol.id   1 
# 
loop_
_struct_conn.id 
_struct_conn.conn_type_id 
_struct_conn.pdbx_leaving_atom_flag 
_struct_conn.pdbx_PDB_id 
_struct_conn.ptnr1_label_asym_id 
_struct_conn.ptnr1_label_comp_id 
_struct_conn.ptnr1_label_seq_id 
_struct_conn.ptnr1_label_atom_id 
_struct_conn.pdbx_ptnr1_label_alt_id 
_struct_conn.pdbx_ptnr1_PDB_ins_code 
_struct_conn.pdbx_ptnr1_standard_comp_id 
_struct_conn.ptnr1_symmetry 
_struct_conn.ptnr2_label_asym_id 
_struct_conn.ptnr2_label_comp_id 
_struct_conn.ptnr2_label_seq_id 
_struct_conn.ptnr2_label_atom_id 
_struct_conn.pdbx_ptnr2_label_alt_id 
_struct_conn.pdbx_ptnr2_PDB_ins_code 
_struct_conn.ptnr1_auth_asym_id 
_struct_conn.ptnr1_auth_comp_id 
_struct_conn.ptnr1_auth_seq_id 
_struct_conn.ptnr2_auth_asym_id 
_struct_conn.ptnr2_auth_comp_id 
_struct_conn.ptnr2_auth_seq_id 
_struct_conn.ptnr2_symmetry 
_struct_conn.pdbx_ptnr3_label_atom_id 
_struct_conn.pdbx_ptnr3_label_seq_id 
_struct_conn.pdbx_ptnr3_label_comp_id 
_struct_conn.pdbx_ptnr3_label_asym_id 
_struct_conn.pdbx_ptnr3_label_alt_id 
_struct_conn.pdbx_ptnr3_PDB_ins_code 
_struct_conn.details 
_struct_conn.pdbx_dist_value 
_struct_conn.pdbx_value_order 
_struct_conn.pdbx_role 
covale1  covale both ? A DC  7  "O3'" ? ? ? 1_555 A 5CM 8  P  ? ? A DC  7  A 5CM 8  1_555 ? ? ? ? ? ? ?            1.615 ? ? 
covale2  covale both ? A 5CM 8  "O3'" ? ? ? 1_555 A DG  9  P  ? ? A 5CM 8  A DG  9  1_555 ? ? ? ? ? ? ?            1.593 ? ? 
covale3  covale both ? B DC  7  "O3'" ? ? ? 1_555 B 5CM 8  P  ? ? B DC  17 B 5CM 18 1_555 ? ? ? ? ? ? ?            1.610 ? ? 
covale4  covale both ? B 5CM 8  "O3'" ? ? ? 1_555 B DG  9  P  ? ? B 5CM 18 B DG  19 1_555 ? ? ? ? ? ? ?            1.622 ? ? 
hydrog1  hydrog ?    ? A DC  1  N3    ? ? ? 1_555 B DG  10 N1 ? ? A DC  1  B DG  20 1_555 ? ? ? ? ? ? WATSON-CRICK ?     ? ? 
hydrog2  hydrog ?    ? A DC  1  N4    ? ? ? 1_555 B DG  10 O6 ? ? A DC  1  B DG  20 1_555 ? ? ? ? ? ? WATSON-CRICK ?     ? ? 
hydrog3  hydrog ?    ? A DC  1  O2    ? ? ? 1_555 B DG  10 N2 ? ? A DC  1  B DG  20 1_555 ? ? ? ? ? ? WATSON-CRICK ?     ? ? 
hydrog4  hydrog ?    ? A DC  2  N3    ? ? ? 1_555 B DG  9  N1 ? ? A DC  2  B DG  19 1_555 ? ? ? ? ? ? WATSON-CRICK ?     ? ? 
hydrog5  hydrog ?    ? A DC  2  N4    ? ? ? 1_555 B DG  9  O6 ? ? A DC  2  B DG  19 1_555 ? ? ? ? ? ? WATSON-CRICK ?     ? ? 
hydrog6  hydrog ?    ? A DC  2  O2    ? ? ? 1_555 B DG  9  N2 ? ? A DC  2  B DG  19 1_555 ? ? ? ? ? ? WATSON-CRICK ?     ? ? 
hydrog7  hydrog ?    ? A DG  3  N1    ? ? ? 1_555 B 5CM 8  N3 ? ? A DG  3  B 5CM 18 1_555 ? ? ? ? ? ? WATSON-CRICK ?     ? ? 
hydrog8  hydrog ?    ? A DG  3  N2    ? ? ? 1_555 B 5CM 8  O2 ? ? A DG  3  B 5CM 18 1_555 ? ? ? ? ? ? WATSON-CRICK ?     ? ? 
hydrog9  hydrog ?    ? A DG  3  O6    ? ? ? 1_555 B 5CM 8  N4 ? ? A DG  3  B 5CM 18 1_555 ? ? ? ? ? ? WATSON-CRICK ?     ? ? 
hydrog10 hydrog ?    ? A DG  4  N1    ? ? ? 1_555 B DC  7  N3 ? ? A DG  4  B DC  17 1_555 ? ? ? ? ? ? WATSON-CRICK ?     ? ? 
hydrog11 hydrog ?    ? A DG  4  N2    ? ? ? 1_555 B DC  7  O2 ? ? A DG  4  B DC  17 1_555 ? ? ? ? ? ? WATSON-CRICK ?     ? ? 
hydrog12 hydrog ?    ? A DG  4  O6    ? ? ? 1_555 B DC  7  N4 ? ? A DG  4  B DC  17 1_555 ? ? ? ? ? ? WATSON-CRICK ?     ? ? 
hydrog13 hydrog ?    ? A DG  5  N1    ? ? ? 1_555 B DC  6  N3 ? ? A DG  5  B DC  16 1_555 ? ? ? ? ? ? WATSON-CRICK ?     ? ? 
hydrog14 hydrog ?    ? A DG  5  N2    ? ? ? 1_555 B DC  6  O2 ? ? A DG  5  B DC  16 1_555 ? ? ? ? ? ? WATSON-CRICK ?     ? ? 
hydrog15 hydrog ?    ? A DG  5  O6    ? ? ? 1_555 B DC  6  N4 ? ? A DG  5  B DC  16 1_555 ? ? ? ? ? ? WATSON-CRICK ?     ? ? 
hydrog16 hydrog ?    ? A DC  6  N3    ? ? ? 1_555 B DG  5  N1 ? ? A DC  6  B DG  15 1_555 ? ? ? ? ? ? WATSON-CRICK ?     ? ? 
hydrog17 hydrog ?    ? A DC  6  N4    ? ? ? 1_555 B DG  5  O6 ? ? A DC  6  B DG  15 1_555 ? ? ? ? ? ? WATSON-CRICK ?     ? ? 
hydrog18 hydrog ?    ? A DC  6  O2    ? ? ? 1_555 B DG  5  N2 ? ? A DC  6  B DG  15 1_555 ? ? ? ? ? ? WATSON-CRICK ?     ? ? 
hydrog19 hydrog ?    ? A DC  7  N3    ? ? ? 1_555 B DG  4  N1 ? ? A DC  7  B DG  14 1_555 ? ? ? ? ? ? WATSON-CRICK ?     ? ? 
hydrog20 hydrog ?    ? A DC  7  N4    ? ? ? 1_555 B DG  4  O6 ? ? A DC  7  B DG  14 1_555 ? ? ? ? ? ? WATSON-CRICK ?     ? ? 
hydrog21 hydrog ?    ? A DC  7  O2    ? ? ? 1_555 B DG  4  N2 ? ? A DC  7  B DG  14 1_555 ? ? ? ? ? ? WATSON-CRICK ?     ? ? 
hydrog22 hydrog ?    ? A 5CM 8  N3    ? ? ? 1_555 B DG  3  N1 ? ? A 5CM 8  B DG  13 1_555 ? ? ? ? ? ? WATSON-CRICK ?     ? ? 
hydrog23 hydrog ?    ? A 5CM 8  N4    ? ? ? 1_555 B DG  3  O6 ? ? A 5CM 8  B DG  13 1_555 ? ? ? ? ? ? WATSON-CRICK ?     ? ? 
hydrog24 hydrog ?    ? A 5CM 8  O2    ? ? ? 1_555 B DG  3  N2 ? ? A 5CM 8  B DG  13 1_555 ? ? ? ? ? ? WATSON-CRICK ?     ? ? 
hydrog25 hydrog ?    ? A DG  9  N1    ? ? ? 1_555 B DC  2  N3 ? ? A DG  9  B DC  12 1_555 ? ? ? ? ? ? WATSON-CRICK ?     ? ? 
hydrog26 hydrog ?    ? A DG  9  N2    ? ? ? 1_555 B DC  2  O2 ? ? A DG  9  B DC  12 1_555 ? ? ? ? ? ? WATSON-CRICK ?     ? ? 
hydrog27 hydrog ?    ? A DG  9  O6    ? ? ? 1_555 B DC  2  N4 ? ? A DG  9  B DC  12 1_555 ? ? ? ? ? ? WATSON-CRICK ?     ? ? 
hydrog28 hydrog ?    ? A DG  10 N1    ? ? ? 1_555 B DC  1  N3 ? ? A DG  10 B DC  11 1_555 ? ? ? ? ? ? WATSON-CRICK ?     ? ? 
hydrog29 hydrog ?    ? A DG  10 N2    ? ? ? 1_555 B DC  1  O2 ? ? A DG  10 B DC  11 1_555 ? ? ? ? ? ? WATSON-CRICK ?     ? ? 
hydrog30 hydrog ?    ? A DG  10 O6    ? ? ? 1_555 B DC  1  N4 ? ? A DG  10 B DC  11 1_555 ? ? ? ? ? ? WATSON-CRICK ?     ? ? 
# 
loop_
_struct_conn_type.id 
_struct_conn_type.criteria 
_struct_conn_type.reference 
covale ? ? 
hydrog ? ? 
# 
loop_
_struct_site.id 
_struct_site.pdbx_evidence_code 
_struct_site.pdbx_auth_asym_id 
_struct_site.pdbx_auth_comp_id 
_struct_site.pdbx_auth_seq_id 
_struct_site.pdbx_auth_ins_code 
_struct_site.pdbx_num_residues 
_struct_site.details 
AC1 Software A SPM 21 ? 10 'BINDING SITE FOR RESIDUE SPM A 21' 
AC2 Software A SPM 22 ? 9  'BINDING SITE FOR RESIDUE SPM A 22' 
# 
loop_
_struct_site_gen.id 
_struct_site_gen.site_id 
_struct_site_gen.pdbx_num_res 
_struct_site_gen.label_comp_id 
_struct_site_gen.label_asym_id 
_struct_site_gen.label_seq_id 
_struct_site_gen.pdbx_auth_ins_code 
_struct_site_gen.auth_comp_id 
_struct_site_gen.auth_asym_id 
_struct_site_gen.auth_seq_id 
_struct_site_gen.label_atom_id 
_struct_site_gen.label_alt_id 
_struct_site_gen.symmetry 
_struct_site_gen.details 
1  AC1 10 DC  A 2  ? DC  A 2  . ? 1_555 ? 
2  AC1 10 DG  A 3  ? DG  A 3  . ? 1_555 ? 
3  AC1 10 DG  A 4  ? DG  A 4  . ? 1_555 ? 
4  AC1 10 5CM A 8  ? 5CM A 8  . ? 3_655 ? 
5  AC1 10 DG  A 9  ? DG  A 9  . ? 3_655 ? 
6  AC1 10 HOH E .  ? HOH A 83 . ? 3_655 ? 
7  AC1 10 DC  B 2  ? DC  B 12 . ? 1_555 ? 
8  AC1 10 DG  B 3  ? DG  B 13 . ? 1_555 ? 
9  AC1 10 DC  B 6  ? DC  B 16 . ? 3_555 ? 
10 AC1 10 DC  B 7  ? DC  B 17 . ? 3_555 ? 
11 AC2 9  DG  A 5  ? DG  A 5  . ? 3_645 ? 
12 AC2 9  DG  A 9  ? DG  A 9  . ? 1_555 ? 
13 AC2 9  DG  A 10 ? DG  A 10 . ? 1_555 ? 
14 AC2 9  HOH E .  ? HOH A 27 . ? 1_555 ? 
15 AC2 9  HOH E .  ? HOH A 44 . ? 1_555 ? 
16 AC2 9  DG  B 3  ? DG  B 13 . ? 4_545 ? 
17 AC2 9  DG  B 4  ? DG  B 14 . ? 4_545 ? 
18 AC2 9  DG  B 9  ? DG  B 19 . ? 3_545 ? 
19 AC2 9  DG  B 10 ? DG  B 20 . ? 2_554 ? 
# 
loop_
_pdbx_validate_rmsd_angle.id 
_pdbx_validate_rmsd_angle.PDB_model_num 
_pdbx_validate_rmsd_angle.auth_atom_id_1 
_pdbx_validate_rmsd_angle.auth_asym_id_1 
_pdbx_validate_rmsd_angle.auth_comp_id_1 
_pdbx_validate_rmsd_angle.auth_seq_id_1 
_pdbx_validate_rmsd_angle.PDB_ins_code_1 
_pdbx_validate_rmsd_angle.label_alt_id_1 
_pdbx_validate_rmsd_angle.auth_atom_id_2 
_pdbx_validate_rmsd_angle.auth_asym_id_2 
_pdbx_validate_rmsd_angle.auth_comp_id_2 
_pdbx_validate_rmsd_angle.auth_seq_id_2 
_pdbx_validate_rmsd_angle.PDB_ins_code_2 
_pdbx_validate_rmsd_angle.label_alt_id_2 
_pdbx_validate_rmsd_angle.auth_atom_id_3 
_pdbx_validate_rmsd_angle.auth_asym_id_3 
_pdbx_validate_rmsd_angle.auth_comp_id_3 
_pdbx_validate_rmsd_angle.auth_seq_id_3 
_pdbx_validate_rmsd_angle.PDB_ins_code_3 
_pdbx_validate_rmsd_angle.label_alt_id_3 
_pdbx_validate_rmsd_angle.angle_value 
_pdbx_validate_rmsd_angle.angle_target_value 
_pdbx_validate_rmsd_angle.angle_deviation 
_pdbx_validate_rmsd_angle.angle_standard_deviation 
_pdbx_validate_rmsd_angle.linker_flag 
1  1 "O4'" A DC 1  ? ? "C1'" A DC 1  ? ? N1    A DC 1  ? ? 111.93 108.30 3.63   0.30 N 
2  1 "O4'" A DC 2  ? ? "C1'" A DC 2  ? ? N1    A DC 2  ? ? 113.57 108.30 5.27   0.30 N 
3  1 "O4'" A DG 4  ? ? "C1'" A DG 4  ? ? N9    A DG 4  ? ? 111.41 108.30 3.11   0.30 N 
4  1 "O4'" A DG 5  ? ? "C1'" A DG 5  ? ? N9    A DG 5  ? ? 110.38 108.30 2.08   0.30 N 
5  1 "O4'" A DC 6  ? ? "C1'" A DC 6  ? ? N1    A DC 6  ? ? 112.52 108.30 4.22   0.30 N 
6  1 "C4'" A DC 7  ? ? "C3'" A DC 7  ? ? "C2'" A DC 7  ? ? 97.54  102.20 -4.66  0.70 N 
7  1 "O4'" A DC 7  ? ? "C1'" A DC 7  ? ? N1    A DC 7  ? ? 116.06 108.30 7.76   0.30 N 
8  1 "C4'" A DG 9  ? ? "C3'" A DG 9  ? ? "C2'" A DG 9  ? ? 96.36  102.20 -5.84  0.70 N 
9  1 "O4'" A DG 9  ? ? "C1'" A DG 9  ? ? N9    A DG 9  ? ? 114.08 108.30 5.78   0.30 N 
10 1 "O4'" A DG 10 ? ? "C1'" A DG 10 ? ? N9    A DG 10 ? ? 110.89 108.30 2.59   0.30 N 
11 1 N1    B DC 11 ? ? "C1'" B DC 11 ? ? "C2'" B DC 11 ? ? 99.22  112.60 -13.38 1.90 N 
12 1 "O4'" B DC 11 ? ? "C1'" B DC 11 ? ? N1    B DC 11 ? ? 116.35 108.30 8.05   0.30 N 
13 1 "O4'" B DC 12 ? ? "C1'" B DC 12 ? ? N1    B DC 12 ? ? 114.78 108.30 6.48   0.30 N 
14 1 "C4'" B DG 13 ? ? "C3'" B DG 13 ? ? "C2'" B DG 13 ? ? 97.00  102.20 -5.20  0.70 N 
15 1 "O4'" B DG 13 ? ? "C1'" B DG 13 ? ? N9    B DG 13 ? ? 112.19 108.30 3.89   0.30 N 
16 1 "O4'" B DG 14 ? ? "C1'" B DG 14 ? ? N9    B DG 14 ? ? 112.45 108.30 4.15   0.30 N 
17 1 "O4'" B DG 15 ? ? "C1'" B DG 15 ? ? N9    B DG 15 ? ? 112.10 108.30 3.80   0.30 N 
18 1 "O4'" B DC 16 ? ? "C1'" B DC 16 ? ? N1    B DC 16 ? ? 117.75 108.30 9.45   0.30 N 
19 1 "O4'" B DC 17 ? ? "C1'" B DC 17 ? ? N1    B DC 17 ? ? 114.37 108.30 6.07   0.30 N 
20 1 "O4'" B DG 20 ? ? "C1'" B DG 20 ? ? N9    B DG 20 ? ? 111.19 108.30 2.89   0.30 N 
# 
loop_
_pdbx_validate_planes.id 
_pdbx_validate_planes.PDB_model_num 
_pdbx_validate_planes.auth_comp_id 
_pdbx_validate_planes.auth_asym_id 
_pdbx_validate_planes.auth_seq_id 
_pdbx_validate_planes.PDB_ins_code 
_pdbx_validate_planes.label_alt_id 
_pdbx_validate_planes.rmsd 
_pdbx_validate_planes.type 
1 1 DC B 11 ? ? 0.065 'SIDE CHAIN' 
2 1 DG B 15 ? ? 0.085 'SIDE CHAIN' 
# 
loop_
_pdbx_struct_mod_residue.id 
_pdbx_struct_mod_residue.label_asym_id 
_pdbx_struct_mod_residue.label_comp_id 
_pdbx_struct_mod_residue.label_seq_id 
_pdbx_struct_mod_residue.auth_asym_id 
_pdbx_struct_mod_residue.auth_comp_id 
_pdbx_struct_mod_residue.auth_seq_id 
_pdbx_struct_mod_residue.PDB_ins_code 
_pdbx_struct_mod_residue.parent_comp_id 
_pdbx_struct_mod_residue.details 
1 A 5CM 8 A 5CM 8  ? DC ? 
2 B 5CM 8 B 5CM 18 ? DC ? 
# 
loop_
_refine_B_iso.class 
_refine_B_iso.details 
_refine_B_iso.treatment 
_refine_B_iso.pdbx_refine_id 
'ALL ATOMS'  TR isotropic 'X-RAY DIFFRACTION' 
'ALL WATERS' TR isotropic 'X-RAY DIFFRACTION' 
# 
loop_
_refine_occupancy.class 
_refine_occupancy.treatment 
_refine_occupancy.pdbx_refine_id 
'ALL ATOMS'  fix 'X-RAY DIFFRACTION' 
'ALL WATERS' fix 'X-RAY DIFFRACTION' 
# 
loop_
_chem_comp_atom.comp_id 
_chem_comp_atom.atom_id 
_chem_comp_atom.type_symbol 
_chem_comp_atom.pdbx_aromatic_flag 
_chem_comp_atom.pdbx_stereo_config 
_chem_comp_atom.pdbx_ordinal 
5CM N1     N N N 1   
5CM C2     C N N 2   
5CM N3     N N N 3   
5CM C4     C N N 4   
5CM C5     C N N 5   
5CM C5A    C N N 6   
5CM C6     C N N 7   
5CM O2     O N N 8   
5CM N4     N N N 9   
5CM "C1'"  C N R 10  
5CM "C2'"  C N N 11  
5CM "C3'"  C N S 12  
5CM "C4'"  C N R 13  
5CM "O4'"  O N N 14  
5CM "O3'"  O N N 15  
5CM "C5'"  C N N 16  
5CM "O5'"  O N N 17  
5CM P      P N N 18  
5CM OP1    O N N 19  
5CM OP2    O N N 20  
5CM OP3    O N N 21  
5CM H5A1   H N N 22  
5CM H5A2   H N N 23  
5CM H5A3   H N N 24  
5CM H6     H N N 25  
5CM HN41   H N N 26  
5CM HN42   H N N 27  
5CM "H1'"  H N N 28  
5CM "H2'"  H N N 29  
5CM "H2''" H N N 30  
5CM "H3'"  H N N 31  
5CM "H4'"  H N N 32  
5CM "HO3'" H N N 33  
5CM "H5'"  H N N 34  
5CM "H5''" H N N 35  
5CM HOP2   H N N 36  
5CM HOP3   H N N 37  
DC  OP3    O N N 38  
DC  P      P N N 39  
DC  OP1    O N N 40  
DC  OP2    O N N 41  
DC  "O5'"  O N N 42  
DC  "C5'"  C N N 43  
DC  "C4'"  C N R 44  
DC  "O4'"  O N N 45  
DC  "C3'"  C N S 46  
DC  "O3'"  O N N 47  
DC  "C2'"  C N N 48  
DC  "C1'"  C N R 49  
DC  N1     N N N 50  
DC  C2     C N N 51  
DC  O2     O N N 52  
DC  N3     N N N 53  
DC  C4     C N N 54  
DC  N4     N N N 55  
DC  C5     C N N 56  
DC  C6     C N N 57  
DC  HOP3   H N N 58  
DC  HOP2   H N N 59  
DC  "H5'"  H N N 60  
DC  "H5''" H N N 61  
DC  "H4'"  H N N 62  
DC  "H3'"  H N N 63  
DC  "HO3'" H N N 64  
DC  "H2'"  H N N 65  
DC  "H2''" H N N 66  
DC  "H1'"  H N N 67  
DC  H41    H N N 68  
DC  H42    H N N 69  
DC  H5     H N N 70  
DC  H6     H N N 71  
DG  OP3    O N N 72  
DG  P      P N N 73  
DG  OP1    O N N 74  
DG  OP2    O N N 75  
DG  "O5'"  O N N 76  
DG  "C5'"  C N N 77  
DG  "C4'"  C N R 78  
DG  "O4'"  O N N 79  
DG  "C3'"  C N S 80  
DG  "O3'"  O N N 81  
DG  "C2'"  C N N 82  
DG  "C1'"  C N R 83  
DG  N9     N Y N 84  
DG  C8     C Y N 85  
DG  N7     N Y N 86  
DG  C5     C Y N 87  
DG  C6     C N N 88  
DG  O6     O N N 89  
DG  N1     N N N 90  
DG  C2     C N N 91  
DG  N2     N N N 92  
DG  N3     N N N 93  
DG  C4     C Y N 94  
DG  HOP3   H N N 95  
DG  HOP2   H N N 96  
DG  "H5'"  H N N 97  
DG  "H5''" H N N 98  
DG  "H4'"  H N N 99  
DG  "H3'"  H N N 100 
DG  "HO3'" H N N 101 
DG  "H2'"  H N N 102 
DG  "H2''" H N N 103 
DG  "H1'"  H N N 104 
DG  H8     H N N 105 
DG  H1     H N N 106 
DG  H21    H N N 107 
DG  H22    H N N 108 
HOH O      O N N 109 
HOH H1     H N N 110 
HOH H2     H N N 111 
SPM N1     N N N 112 
SPM C2     C N N 113 
SPM C3     C N N 114 
SPM C4     C N N 115 
SPM N5     N N N 116 
SPM C6     C N N 117 
SPM C7     C N N 118 
SPM C8     C N N 119 
SPM C9     C N N 120 
SPM N10    N N N 121 
SPM C11    C N N 122 
SPM C12    C N N 123 
SPM C13    C N N 124 
SPM N14    N N N 125 
SPM HN11   H N N 126 
SPM HN12   H N N 127 
SPM H21    H N N 128 
SPM H22    H N N 129 
SPM H31    H N N 130 
SPM H32    H N N 131 
SPM H41    H N N 132 
SPM H42    H N N 133 
SPM HN5    H N N 134 
SPM H61    H N N 135 
SPM H62    H N N 136 
SPM H71    H N N 137 
SPM H72    H N N 138 
SPM H81    H N N 139 
SPM H82    H N N 140 
SPM H91    H N N 141 
SPM H92    H N N 142 
SPM HN0    H N N 143 
SPM H111   H N N 144 
SPM H112   H N N 145 
SPM H121   H N N 146 
SPM H122   H N N 147 
SPM H131   H N N 148 
SPM H132   H N N 149 
SPM HN41   H N N 150 
SPM HN42   H N N 151 
# 
loop_
_chem_comp_bond.comp_id 
_chem_comp_bond.atom_id_1 
_chem_comp_bond.atom_id_2 
_chem_comp_bond.value_order 
_chem_comp_bond.pdbx_aromatic_flag 
_chem_comp_bond.pdbx_stereo_config 
_chem_comp_bond.pdbx_ordinal 
5CM N1    C2     sing N N 1   
5CM N1    C6     sing N N 2   
5CM N1    "C1'"  sing N N 3   
5CM C2    N3     sing N N 4   
5CM C2    O2     doub N N 5   
5CM N3    C4     doub N N 6   
5CM C4    C5     sing N N 7   
5CM C4    N4     sing N N 8   
5CM C5    C5A    sing N N 9   
5CM C5    C6     doub N N 10  
5CM C5A   H5A1   sing N N 11  
5CM C5A   H5A2   sing N N 12  
5CM C5A   H5A3   sing N N 13  
5CM C6    H6     sing N N 14  
5CM N4    HN41   sing N N 15  
5CM N4    HN42   sing N N 16  
5CM "C1'" "C2'"  sing N N 17  
5CM "C1'" "O4'"  sing N N 18  
5CM "C1'" "H1'"  sing N N 19  
5CM "C2'" "C3'"  sing N N 20  
5CM "C2'" "H2'"  sing N N 21  
5CM "C2'" "H2''" sing N N 22  
5CM "C3'" "C4'"  sing N N 23  
5CM "C3'" "O3'"  sing N N 24  
5CM "C3'" "H3'"  sing N N 25  
5CM "C4'" "O4'"  sing N N 26  
5CM "C4'" "C5'"  sing N N 27  
5CM "C4'" "H4'"  sing N N 28  
5CM "O3'" "HO3'" sing N N 29  
5CM "C5'" "O5'"  sing N N 30  
5CM "C5'" "H5'"  sing N N 31  
5CM "C5'" "H5''" sing N N 32  
5CM "O5'" P      sing N N 33  
5CM P     OP1    doub N N 34  
5CM P     OP2    sing N N 35  
5CM P     OP3    sing N N 36  
5CM OP2   HOP2   sing N N 37  
5CM OP3   HOP3   sing N N 38  
DC  OP3   P      sing N N 39  
DC  OP3   HOP3   sing N N 40  
DC  P     OP1    doub N N 41  
DC  P     OP2    sing N N 42  
DC  P     "O5'"  sing N N 43  
DC  OP2   HOP2   sing N N 44  
DC  "O5'" "C5'"  sing N N 45  
DC  "C5'" "C4'"  sing N N 46  
DC  "C5'" "H5'"  sing N N 47  
DC  "C5'" "H5''" sing N N 48  
DC  "C4'" "O4'"  sing N N 49  
DC  "C4'" "C3'"  sing N N 50  
DC  "C4'" "H4'"  sing N N 51  
DC  "O4'" "C1'"  sing N N 52  
DC  "C3'" "O3'"  sing N N 53  
DC  "C3'" "C2'"  sing N N 54  
DC  "C3'" "H3'"  sing N N 55  
DC  "O3'" "HO3'" sing N N 56  
DC  "C2'" "C1'"  sing N N 57  
DC  "C2'" "H2'"  sing N N 58  
DC  "C2'" "H2''" sing N N 59  
DC  "C1'" N1     sing N N 60  
DC  "C1'" "H1'"  sing N N 61  
DC  N1    C2     sing N N 62  
DC  N1    C6     sing N N 63  
DC  C2    O2     doub N N 64  
DC  C2    N3     sing N N 65  
DC  N3    C4     doub N N 66  
DC  C4    N4     sing N N 67  
DC  C4    C5     sing N N 68  
DC  N4    H41    sing N N 69  
DC  N4    H42    sing N N 70  
DC  C5    C6     doub N N 71  
DC  C5    H5     sing N N 72  
DC  C6    H6     sing N N 73  
DG  OP3   P      sing N N 74  
DG  OP3   HOP3   sing N N 75  
DG  P     OP1    doub N N 76  
DG  P     OP2    sing N N 77  
DG  P     "O5'"  sing N N 78  
DG  OP2   HOP2   sing N N 79  
DG  "O5'" "C5'"  sing N N 80  
DG  "C5'" "C4'"  sing N N 81  
DG  "C5'" "H5'"  sing N N 82  
DG  "C5'" "H5''" sing N N 83  
DG  "C4'" "O4'"  sing N N 84  
DG  "C4'" "C3'"  sing N N 85  
DG  "C4'" "H4'"  sing N N 86  
DG  "O4'" "C1'"  sing N N 87  
DG  "C3'" "O3'"  sing N N 88  
DG  "C3'" "C2'"  sing N N 89  
DG  "C3'" "H3'"  sing N N 90  
DG  "O3'" "HO3'" sing N N 91  
DG  "C2'" "C1'"  sing N N 92  
DG  "C2'" "H2'"  sing N N 93  
DG  "C2'" "H2''" sing N N 94  
DG  "C1'" N9     sing N N 95  
DG  "C1'" "H1'"  sing N N 96  
DG  N9    C8     sing Y N 97  
DG  N9    C4     sing Y N 98  
DG  C8    N7     doub Y N 99  
DG  C8    H8     sing N N 100 
DG  N7    C5     sing Y N 101 
DG  C5    C6     sing N N 102 
DG  C5    C4     doub Y N 103 
DG  C6    O6     doub N N 104 
DG  C6    N1     sing N N 105 
DG  N1    C2     sing N N 106 
DG  N1    H1     sing N N 107 
DG  C2    N2     sing N N 108 
DG  C2    N3     doub N N 109 
DG  N2    H21    sing N N 110 
DG  N2    H22    sing N N 111 
DG  N3    C4     sing N N 112 
HOH O     H1     sing N N 113 
HOH O     H2     sing N N 114 
SPM N1    C2     sing N N 115 
SPM N1    HN11   sing N N 116 
SPM N1    HN12   sing N N 117 
SPM C2    C3     sing N N 118 
SPM C2    H21    sing N N 119 
SPM C2    H22    sing N N 120 
SPM C3    C4     sing N N 121 
SPM C3    H31    sing N N 122 
SPM C3    H32    sing N N 123 
SPM C4    N5     sing N N 124 
SPM C4    H41    sing N N 125 
SPM C4    H42    sing N N 126 
SPM N5    C6     sing N N 127 
SPM N5    HN5    sing N N 128 
SPM C6    C7     sing N N 129 
SPM C6    H61    sing N N 130 
SPM C6    H62    sing N N 131 
SPM C7    C8     sing N N 132 
SPM C7    H71    sing N N 133 
SPM C7    H72    sing N N 134 
SPM C8    C9     sing N N 135 
SPM C8    H81    sing N N 136 
SPM C8    H82    sing N N 137 
SPM C9    N10    sing N N 138 
SPM C9    H91    sing N N 139 
SPM C9    H92    sing N N 140 
SPM N10   C11    sing N N 141 
SPM N10   HN0    sing N N 142 
SPM C11   C12    sing N N 143 
SPM C11   H111   sing N N 144 
SPM C11   H112   sing N N 145 
SPM C12   C13    sing N N 146 
SPM C12   H121   sing N N 147 
SPM C12   H122   sing N N 148 
SPM C13   N14    sing N N 149 
SPM C13   H131   sing N N 150 
SPM C13   H132   sing N N 151 
SPM N14   HN41   sing N N 152 
SPM N14   HN42   sing N N 153 
# 
_ndb_struct_conf_na.entry_id   324D 
_ndb_struct_conf_na.feature    'a-form double helix' 
# 
loop_
_ndb_struct_na_base_pair.model_number 
_ndb_struct_na_base_pair.i_label_asym_id 
_ndb_struct_na_base_pair.i_label_comp_id 
_ndb_struct_na_base_pair.i_label_seq_id 
_ndb_struct_na_base_pair.i_symmetry 
_ndb_struct_na_base_pair.j_label_asym_id 
_ndb_struct_na_base_pair.j_label_comp_id 
_ndb_struct_na_base_pair.j_label_seq_id 
_ndb_struct_na_base_pair.j_symmetry 
_ndb_struct_na_base_pair.shear 
_ndb_struct_na_base_pair.stretch 
_ndb_struct_na_base_pair.stagger 
_ndb_struct_na_base_pair.buckle 
_ndb_struct_na_base_pair.propeller 
_ndb_struct_na_base_pair.opening 
_ndb_struct_na_base_pair.pair_number 
_ndb_struct_na_base_pair.pair_name 
_ndb_struct_na_base_pair.i_auth_asym_id 
_ndb_struct_na_base_pair.i_auth_seq_id 
_ndb_struct_na_base_pair.i_PDB_ins_code 
_ndb_struct_na_base_pair.j_auth_asym_id 
_ndb_struct_na_base_pair.j_auth_seq_id 
_ndb_struct_na_base_pair.j_PDB_ins_code 
_ndb_struct_na_base_pair.hbond_type_28 
_ndb_struct_na_base_pair.hbond_type_12 
1 A DC  1  1_555 B DG  10 1_555 0.222  -0.034 0.102  -8.685 1.239   -2.482 1  A_DC1:DG20_B  A 1  ? B 20 ? 19 1 
1 A DC  2  1_555 B DG  9  1_555 0.410  -0.316 0.051  4.311  -1.666  -0.998 2  A_DC2:DG19_B  A 2  ? B 19 ? 19 1 
1 A DG  3  1_555 B 5CM 8  1_555 -0.338 -0.083 0.228  -4.171 -20.152 -1.910 3  A_DG3:5CM18_B A 3  ? B 18 ? 19 1 
1 A DG  4  1_555 B DC  7  1_555 -0.481 -0.288 -0.259 -9.550 -16.513 -2.247 4  A_DG4:DC17_B  A 4  ? B 17 ? 19 1 
1 A DG  5  1_555 B DC  6  1_555 0.017  -0.091 -0.085 -2.660 -9.827  -1.861 5  A_DG5:DC16_B  A 5  ? B 16 ? 19 1 
1 A DC  6  1_555 B DG  5  1_555 0.447  -0.361 -0.234 -1.263 -12.554 -6.958 6  A_DC6:DG15_B  A 6  ? B 15 ? 19 1 
1 A DC  7  1_555 B DG  4  1_555 0.562  -0.315 0.172  -2.678 -13.033 2.809  7  A_DC7:DG14_B  A 7  ? B 14 ? 19 1 
1 A 5CM 8  1_555 B DG  3  1_555 0.380  -0.188 -0.126 3.110  -7.785  0.485  8  A_5CM8:DG13_B A 8  ? B 13 ? 19 1 
1 A DG  9  1_555 B DC  2  1_555 -0.449 -0.347 -0.094 -5.629 -8.584  -4.087 9  A_DG9:DC12_B  A 9  ? B 12 ? 19 1 
1 A DG  10 1_555 B DC  1  1_555 -0.194 -0.391 0.111  5.111  6.582   -2.475 10 A_DG10:DC11_B A 10 ? B 11 ? 19 1 
# 
loop_
_ndb_struct_na_base_pair_step.model_number 
_ndb_struct_na_base_pair_step.i_label_asym_id_1 
_ndb_struct_na_base_pair_step.i_label_comp_id_1 
_ndb_struct_na_base_pair_step.i_label_seq_id_1 
_ndb_struct_na_base_pair_step.i_symmetry_1 
_ndb_struct_na_base_pair_step.j_label_asym_id_1 
_ndb_struct_na_base_pair_step.j_label_comp_id_1 
_ndb_struct_na_base_pair_step.j_label_seq_id_1 
_ndb_struct_na_base_pair_step.j_symmetry_1 
_ndb_struct_na_base_pair_step.i_label_asym_id_2 
_ndb_struct_na_base_pair_step.i_label_comp_id_2 
_ndb_struct_na_base_pair_step.i_label_seq_id_2 
_ndb_struct_na_base_pair_step.i_symmetry_2 
_ndb_struct_na_base_pair_step.j_label_asym_id_2 
_ndb_struct_na_base_pair_step.j_label_comp_id_2 
_ndb_struct_na_base_pair_step.j_label_seq_id_2 
_ndb_struct_na_base_pair_step.j_symmetry_2 
_ndb_struct_na_base_pair_step.shift 
_ndb_struct_na_base_pair_step.slide 
_ndb_struct_na_base_pair_step.rise 
_ndb_struct_na_base_pair_step.tilt 
_ndb_struct_na_base_pair_step.roll 
_ndb_struct_na_base_pair_step.twist 
_ndb_struct_na_base_pair_step.x_displacement 
_ndb_struct_na_base_pair_step.y_displacement 
_ndb_struct_na_base_pair_step.helical_rise 
_ndb_struct_na_base_pair_step.inclination 
_ndb_struct_na_base_pair_step.tip 
_ndb_struct_na_base_pair_step.helical_twist 
_ndb_struct_na_base_pair_step.step_number 
_ndb_struct_na_base_pair_step.step_name 
_ndb_struct_na_base_pair_step.i_auth_asym_id_1 
_ndb_struct_na_base_pair_step.i_auth_seq_id_1 
_ndb_struct_na_base_pair_step.i_PDB_ins_code_1 
_ndb_struct_na_base_pair_step.j_auth_asym_id_1 
_ndb_struct_na_base_pair_step.j_auth_seq_id_1 
_ndb_struct_na_base_pair_step.j_PDB_ins_code_1 
_ndb_struct_na_base_pair_step.i_auth_asym_id_2 
_ndb_struct_na_base_pair_step.i_auth_seq_id_2 
_ndb_struct_na_base_pair_step.i_PDB_ins_code_2 
_ndb_struct_na_base_pair_step.j_auth_asym_id_2 
_ndb_struct_na_base_pair_step.j_auth_seq_id_2 
_ndb_struct_na_base_pair_step.j_PDB_ins_code_2 
1 A DC  1 1_555 B DG  10 1_555 A DC  2  1_555 B DG  9 1_555 0.425  -1.862 3.049 -0.883 -1.070 34.707 -2.966 -0.839 3.092 -1.793 
1.479  34.734 1 AA_DC1DC2:DG19DG20_BB  A 1 ? B 20 ? A 2  ? B 19 ? 
1 A DC  2 1_555 B DG  9  1_555 A DG  3  1_555 B 5CM 8 1_555 -0.457 -2.124 3.621 -2.168 -0.461 27.402 -4.342 0.367  3.680 -0.972 
4.567  27.490 2 AA_DC2DG3:5CM18DG19_BB A 2 ? B 19 ? A 3  ? B 18 ? 
1 A DG  3 1_555 B 5CM 8  1_555 A DG  4  1_555 B DC  7 1_555 -1.246 -1.195 3.283 -1.888 8.587  37.080 -2.894 1.677  3.000 13.276 
2.918  38.072 3 AA_DG3DG4:DC175CM18_BB A 3 ? B 18 ? A 4  ? B 17 ? 
1 A DG  4 1_555 B DC  7  1_555 A DG  5  1_555 B DC  6 1_555 0.936  -1.579 3.161 0.625  14.137 27.398 -5.349 -1.659 2.128 27.632 
-1.222 30.775 4 AA_DG4DG5:DC16DC17_BB  A 4 ? B 17 ? A 5  ? B 16 ? 
1 A DG  5 1_555 B DC  6  1_555 A DC  6  1_555 B DG  5 1_555 -0.802 -0.986 3.294 0.337  14.406 35.029 -3.290 1.279  2.690 22.780 
-0.533 37.791 5 AA_DG5DC6:DG15DC16_BB  A 5 ? B 16 ? A 6  ? B 15 ? 
1 A DC  6 1_555 B DG  5  1_555 A DC  7  1_555 B DG  4 1_555 1.600  -1.298 3.335 2.669  8.913  32.126 -3.715 -2.346 2.998 15.699 
-4.701 33.412 6 AA_DC6DC7:DG14DG15_BB  A 6 ? B 15 ? A 7  ? B 14 ? 
1 A DC  7 1_555 B DG  4  1_555 A 5CM 8  1_555 B DG  3 1_555 0.096  -1.588 3.215 2.692  3.623  29.670 -3.780 0.345  3.001 7.023  
-5.219 30.004 7 AA_DC75CM8:DG13DG14_BB A 7 ? B 14 ? A 8  ? B 13 ? 
1 A 5CM 8 1_555 B DG  3  1_555 A DG  9  1_555 B DC  2 1_555 -0.269 -1.911 3.605 1.605  7.509  24.750 -6.377 1.051  2.886 17.003 
-3.634 25.895 8 AA_5CM8DG9:DC12DG13_BB A 8 ? B 13 ? A 9  ? B 12 ? 
1 A DG  9 1_555 B DC  2  1_555 A DG  10 1_555 B DC  1 1_555 0.456  -1.871 3.294 1.594  -5.492 31.713 -2.336 -0.520 3.577 -9.949 
-2.887 32.211 9 AA_DG9DG10:DC11DC12_BB A 9 ? B 12 ? A 10 ? B 11 ? 
# 
_atom_sites.entry_id                    324D 
_atom_sites.fract_transf_matrix[1][1]   -0.02411706 
_atom_sites.fract_transf_matrix[1][2]   0.03459919 
_atom_sites.fract_transf_matrix[1][3]   -0.00326157 
_atom_sites.fract_transf_matrix[2][1]   0.01641327 
_atom_sites.fract_transf_matrix[2][2]   0.01000932 
_atom_sites.fract_transf_matrix[2][3]   -0.01518454 
_atom_sites.fract_transf_matrix[3][1]   -0.01094536 
_atom_sites.fract_transf_matrix[3][2]   -0.00932404 
_atom_sites.fract_transf_matrix[3][3]   -0.01797726 
_atom_sites.fract_transf_vector[1]      0.147739 
_atom_sites.fract_transf_vector[2]      -0.060307 
_atom_sites.fract_transf_vector[3]      0.238477 
# 
loop_
_atom_type.symbol 
C 
N 
O 
P 
# 
loop_
_atom_site.group_PDB 
_atom_site.id 
_atom_site.type_symbol 
_atom_site.label_atom_id 
_atom_site.label_alt_id 
_atom_site.label_comp_id 
_atom_site.label_asym_id 
_atom_site.label_entity_id 
_atom_site.label_seq_id 
_atom_site.pdbx_PDB_ins_code 
_atom_site.Cartn_x 
_atom_site.Cartn_y 
_atom_site.Cartn_z 
_atom_site.occupancy 
_atom_site.B_iso_or_equiv 
_atom_site.pdbx_formal_charge 
_atom_site.auth_seq_id 
_atom_site.auth_comp_id 
_atom_site.auth_asym_id 
_atom_site.auth_atom_id 
_atom_site.pdbx_PDB_model_num 
ATOM   1   O "O5'" . DC  A 1 1  ? 13.444  -2.826  0.934   1.00 24.24 ? 1  DC  A "O5'" 1 
ATOM   2   C "C5'" . DC  A 1 1  ? 14.058  -1.538  0.939   1.00 13.08 ? 1  DC  A "C5'" 1 
ATOM   3   C "C4'" . DC  A 1 1  ? 13.951  -0.852  -0.404  1.00 23.69 ? 1  DC  A "C4'" 1 
ATOM   4   O "O4'" . DC  A 1 1  ? 14.479  -1.809  -1.334  1.00 29.73 ? 1  DC  A "O4'" 1 
ATOM   5   C "C3'" . DC  A 1 1  ? 12.533  -0.572  -0.898  1.00 27.16 ? 1  DC  A "C3'" 1 
ATOM   6   O "O3'" . DC  A 1 1  ? 12.166  0.748   -0.475  1.00 19.71 ? 1  DC  A "O3'" 1 
ATOM   7   C "C2'" . DC  A 1 1  ? 12.832  -0.492  -2.356  1.00 20.42 ? 1  DC  A "C2'" 1 
ATOM   8   C "C1'" . DC  A 1 1  ? 13.695  -1.751  -2.523  1.00 12.89 ? 1  DC  A "C1'" 1 
ATOM   9   N N1    . DC  A 1 1  ? 12.920  -3.017  -2.745  1.00 28.06 ? 1  DC  A N1    1 
ATOM   10  C C2    . DC  A 1 1  ? 12.213  -3.128  -3.937  1.00 21.42 ? 1  DC  A C2    1 
ATOM   11  O O2    . DC  A 1 1  ? 12.244  -2.237  -4.786  1.00 14.76 ? 1  DC  A O2    1 
ATOM   12  N N3    . DC  A 1 1  ? 11.520  -4.271  -4.171  1.00 14.99 ? 1  DC  A N3    1 
ATOM   13  C C4    . DC  A 1 1  ? 11.503  -5.272  -3.291  1.00 22.09 ? 1  DC  A C4    1 
ATOM   14  N N4    . DC  A 1 1  ? 10.778  -6.358  -3.539  1.00 15.92 ? 1  DC  A N4    1 
ATOM   15  C C5    . DC  A 1 1  ? 12.223  -5.188  -2.057  1.00 20.25 ? 1  DC  A C5    1 
ATOM   16  C C6    . DC  A 1 1  ? 12.908  -4.052  -1.833  1.00 18.21 ? 1  DC  A C6    1 
ATOM   17  P P     . DC  A 1 2  ? 10.600  1.154   -0.319  1.00 21.83 ? 2  DC  A P     1 
ATOM   18  O OP1   . DC  A 1 2  ? 10.495  2.518   0.235   1.00 36.24 ? 2  DC  A OP1   1 
ATOM   19  O OP2   . DC  A 1 2  ? 9.926   0.038   0.381   1.00 24.81 ? 2  DC  A OP2   1 
ATOM   20  O "O5'" . DC  A 1 2  ? 10.039  1.239   -1.824  1.00 21.42 ? 2  DC  A "O5'" 1 
ATOM   21  C "C5'" . DC  A 1 2  ? 10.315  2.343   -2.699  1.00 9.11  ? 2  DC  A "C5'" 1 
ATOM   22  C "C4'" . DC  A 1 2  ? 9.777   1.978   -4.068  1.00 24.87 ? 2  DC  A "C4'" 1 
ATOM   23  O "O4'" . DC  A 1 2  ? 10.275  0.686   -4.421  1.00 29.03 ? 2  DC  A "O4'" 1 
ATOM   24  C "C3'" . DC  A 1 2  ? 8.286   1.835   -4.121  1.00 26.25 ? 2  DC  A "C3'" 1 
ATOM   25  O "O3'" . DC  A 1 2  ? 7.780   3.136   -4.354  1.00 28.39 ? 2  DC  A "O3'" 1 
ATOM   26  C "C2'" . DC  A 1 2  ? 8.153   1.061   -5.396  1.00 26.98 ? 2  DC  A "C2'" 1 
ATOM   27  C "C1'" . DC  A 1 2  ? 9.274   0.030   -5.219  1.00 14.73 ? 2  DC  A "C1'" 1 
ATOM   28  N N1    . DC  A 1 2  ? 8.814   -1.278  -4.648  1.00 14.57 ? 2  DC  A N1    1 
ATOM   29  C C2    . DC  A 1 2  ? 8.083   -2.149  -5.454  1.00 19.65 ? 2  DC  A C2    1 
ATOM   30  O O2    . DC  A 1 2  ? 7.744   -1.826  -6.590  1.00 23.95 ? 2  DC  A O2    1 
ATOM   31  N N3    . DC  A 1 2  ? 7.732   -3.365  -4.937  1.00 8.76  ? 2  DC  A N3    1 
ATOM   32  C C4    . DC  A 1 2  ? 8.068   -3.725  -3.690  1.00 27.79 ? 2  DC  A C4    1 
ATOM   33  N N4    . DC  A 1 2  ? 7.712   -4.912  -3.183  1.00 17.69 ? 2  DC  A N4    1 
ATOM   34  C C5    . DC  A 1 2  ? 8.811   -2.841  -2.854  1.00 18.96 ? 2  DC  A C5    1 
ATOM   35  C C6    . DC  A 1 2  ? 9.153   -1.646  -3.375  1.00 10.41 ? 2  DC  A C6    1 
ATOM   36  P P     . DG  A 1 3  ? 6.213   3.433   -4.352  1.00 23.95 ? 3  DG  A P     1 
ATOM   37  O OP1   . DG  A 1 3  ? 6.014   4.839   -3.936  1.00 34.41 ? 3  DG  A OP1   1 
ATOM   38  O OP2   . DG  A 1 3  ? 5.506   2.336   -3.641  1.00 18.86 ? 3  DG  A OP2   1 
ATOM   39  O "O5'" . DG  A 1 3  ? 5.900   3.340   -5.920  1.00 25.76 ? 3  DG  A "O5'" 1 
ATOM   40  C "C5'" . DG  A 1 3  ? 4.572   3.100   -6.354  1.00 21.71 ? 3  DG  A "C5'" 1 
ATOM   41  C "C4'" . DG  A 1 3  ? 4.531   2.238   -7.608  1.00 16.45 ? 3  DG  A "C4'" 1 
ATOM   42  O "O4'" . DG  A 1 3  ? 5.337   1.091   -7.360  1.00 21.20 ? 3  DG  A "O4'" 1 
ATOM   43  C "C3'" . DG  A 1 3  ? 3.133   1.701   -7.877  1.00 29.03 ? 3  DG  A "C3'" 1 
ATOM   44  O "O3'" . DG  A 1 3  ? 2.532   2.606   -8.803  1.00 15.10 ? 3  DG  A "O3'" 1 
ATOM   45  C "C2'" . DG  A 1 3  ? 3.452   0.433   -8.636  1.00 20.58 ? 3  DG  A "C2'" 1 
ATOM   46  C "C1'" . DG  A 1 3  ? 4.687   -0.081  -7.858  1.00 2.42  ? 3  DG  A "C1'" 1 
ATOM   47  N N9    . DG  A 1 3  ? 4.408   -0.940  -6.699  1.00 10.14 ? 3  DG  A N9    1 
ATOM   48  C C8    . DG  A 1 3  ? 4.830   -0.776  -5.398  1.00 20.11 ? 3  DG  A C8    1 
ATOM   49  N N7    . DG  A 1 3  ? 4.454   -1.713  -4.597  1.00 9.84  ? 3  DG  A N7    1 
ATOM   50  C C5    . DG  A 1 3  ? 3.727   -2.569  -5.407  1.00 12.08 ? 3  DG  A C5    1 
ATOM   51  C C6    . DG  A 1 3  ? 3.092   -3.782  -5.084  1.00 6.64  ? 3  DG  A C6    1 
ATOM   52  O O6    . DG  A 1 3  ? 3.056   -4.336  -3.989  1.00 5.03  ? 3  DG  A O6    1 
ATOM   53  N N1    . DG  A 1 3  ? 2.476   -4.368  -6.184  1.00 7.78  ? 3  DG  A N1    1 
ATOM   54  C C2    . DG  A 1 3  ? 2.479   -3.840  -7.453  1.00 3.56  ? 3  DG  A C2    1 
ATOM   55  N N2    . DG  A 1 3  ? 1.825   -4.527  -8.378  1.00 16.06 ? 3  DG  A N2    1 
ATOM   56  N N3    . DG  A 1 3  ? 3.085   -2.687  -7.761  1.00 3.73  ? 3  DG  A N3    1 
ATOM   57  C C4    . DG  A 1 3  ? 3.686   -2.107  -6.698  1.00 22.21 ? 3  DG  A C4    1 
ATOM   58  P P     . DG  A 1 4  ? 0.963   2.932   -8.741  1.00 14.34 ? 4  DG  A P     1 
ATOM   59  O OP1   . DG  A 1 4  ? 0.703   4.111   -9.593  1.00 21.19 ? 4  DG  A OP1   1 
ATOM   60  O OP2   . DG  A 1 4  ? 0.526   2.937   -7.338  1.00 14.12 ? 4  DG  A OP2   1 
ATOM   61  O "O5'" . DG  A 1 4  ? 0.329   1.634   -9.409  1.00 12.43 ? 4  DG  A "O5'" 1 
ATOM   62  C "C5'" . DG  A 1 4  ? -0.034  1.590   -10.782 1.00 12.84 ? 4  DG  A "C5'" 1 
ATOM   63  C "C4'" . DG  A 1 4  ? -0.957  0.424   -10.977 1.00 4.53  ? 4  DG  A "C4'" 1 
ATOM   64  O "O4'" . DG  A 1 4  ? -0.286  -0.761  -10.517 1.00 13.26 ? 4  DG  A "O4'" 1 
ATOM   65  C "C3'" . DG  A 1 4  ? -2.142  0.558   -10.052 1.00 11.55 ? 4  DG  A "C3'" 1 
ATOM   66  O "O3'" . DG  A 1 4  ? -3.122  1.337   -10.730 1.00 21.26 ? 4  DG  A "O3'" 1 
ATOM   67  C "C2'" . DG  A 1 4  ? -2.590  -0.877  -10.024 1.00 8.54  ? 4  DG  A "C2'" 1 
ATOM   68  C "C1'" . DG  A 1 4  ? -1.232  -1.573  -9.812  1.00 2.00  ? 4  DG  A "C1'" 1 
ATOM   69  N N9    . DG  A 1 4  ? -0.831  -1.764  -8.388  1.00 6.76  ? 4  DG  A N9    1 
ATOM   70  C C8    . DG  A 1 4  ? -0.006  -0.989  -7.602  1.00 4.40  ? 4  DG  A C8    1 
ATOM   71  N N7    . DG  A 1 4  ? 0.199   -1.461  -6.412  1.00 2.00  ? 4  DG  A N7    1 
ATOM   72  C C5    . DG  A 1 4  ? -0.538  -2.641  -6.394  1.00 4.14  ? 4  DG  A C5    1 
ATOM   73  C C6    . DG  A 1 4  ? -0.681  -3.596  -5.359  1.00 3.19  ? 4  DG  A C6    1 
ATOM   74  O O6    . DG  A 1 4  ? -0.165  -3.561  -4.244  1.00 4.64  ? 4  DG  A O6    1 
ATOM   75  N N1    . DG  A 1 4  ? -1.506  -4.647  -5.717  1.00 11.10 ? 4  DG  A N1    1 
ATOM   76  C C2    . DG  A 1 4  ? -2.127  -4.779  -6.941  1.00 22.95 ? 4  DG  A C2    1 
ATOM   77  N N2    . DG  A 1 4  ? -2.938  -5.835  -7.091  1.00 4.10  ? 4  DG  A N2    1 
ATOM   78  N N3    . DG  A 1 4  ? -1.981  -3.881  -7.928  1.00 14.81 ? 4  DG  A N3    1 
ATOM   79  C C4    . DG  A 1 4  ? -1.176  -2.839  -7.586  1.00 2.57  ? 4  DG  A C4    1 
ATOM   80  P P     . DG  A 1 5  ? -4.118  2.244   -9.845  1.00 13.13 ? 5  DG  A P     1 
ATOM   81  O OP1   . DG  A 1 5  ? -4.929  3.051   -10.802 1.00 8.01  ? 5  DG  A OP1   1 
ATOM   82  O OP2   . DG  A 1 5  ? -3.370  2.877   -8.756  1.00 6.14  ? 5  DG  A OP2   1 
ATOM   83  O "O5'" . DG  A 1 5  ? -5.071  1.161   -9.175  1.00 26.80 ? 5  DG  A "O5'" 1 
ATOM   84  C "C5'" . DG  A 1 5  ? -5.589  1.291   -7.861  1.00 6.67  ? 5  DG  A "C5'" 1 
ATOM   85  C "C4'" . DG  A 1 5  ? -6.115  -0.052  -7.504  1.00 7.94  ? 5  DG  A "C4'" 1 
ATOM   86  O "O4'" . DG  A 1 5  ? -4.999  -0.940  -7.432  1.00 8.66  ? 5  DG  A "O4'" 1 
ATOM   87  C "C3'" . DG  A 1 5  ? -6.735  -0.072  -6.152  1.00 8.09  ? 5  DG  A "C3'" 1 
ATOM   88  O "O3'" . DG  A 1 5  ? -8.096  0.264   -6.372  1.00 11.41 ? 5  DG  A "O3'" 1 
ATOM   89  C "C2'" . DG  A 1 5  ? -6.661  -1.551  -5.881  1.00 5.96  ? 5  DG  A "C2'" 1 
ATOM   90  C "C1'" . DG  A 1 5  ? -5.229  -1.825  -6.329  1.00 15.58 ? 5  DG  A "C1'" 1 
ATOM   91  N N9    . DG  A 1 5  ? -4.205  -1.618  -5.278  1.00 9.95  ? 5  DG  A N9    1 
ATOM   92  C C8    . DG  A 1 5  ? -3.241  -0.641  -5.198  1.00 5.21  ? 5  DG  A C8    1 
ATOM   93  N N7    . DG  A 1 5  ? -2.433  -0.788  -4.190  1.00 11.45 ? 5  DG  A N7    1 
ATOM   94  C C5    . DG  A 1 5  ? -2.886  -1.943  -3.545  1.00 12.47 ? 5  DG  A C5    1 
ATOM   95  C C6    . DG  A 1 5  ? -2.367  -2.611  -2.390  1.00 19.82 ? 5  DG  A C6    1 
ATOM   96  O O6    . DG  A 1 5  ? -1.414  -2.307  -1.671  1.00 13.61 ? 5  DG  A O6    1 
ATOM   97  N N1    . DG  A 1 5  ? -3.088  -3.753  -2.072  1.00 5.42  ? 5  DG  A N1    1 
ATOM   98  C C2    . DG  A 1 5  ? -4.184  -4.200  -2.783  1.00 2.00  ? 5  DG  A C2    1 
ATOM   99  N N2    . DG  A 1 5  ? -4.763  -5.294  -2.297  1.00 4.45  ? 5  DG  A N2    1 
ATOM   100 N N3    . DG  A 1 5  ? -4.668  -3.580  -3.875  1.00 2.00  ? 5  DG  A N3    1 
ATOM   101 C C4    . DG  A 1 5  ? -3.969  -2.459  -4.200  1.00 9.15  ? 5  DG  A C4    1 
ATOM   102 P P     . DC  A 1 6  ? -8.846  1.186   -5.306  1.00 10.76 ? 6  DC  A P     1 
ATOM   103 O OP1   . DC  A 1 6  ? -10.091 1.708   -5.915  1.00 25.48 ? 6  DC  A OP1   1 
ATOM   104 O OP2   . DC  A 1 6  ? -7.846  2.121   -4.729  1.00 15.08 ? 6  DC  A OP2   1 
ATOM   105 O "O5'" . DC  A 1 6  ? -9.277  0.131   -4.181  1.00 20.80 ? 6  DC  A "O5'" 1 
ATOM   106 C "C5'" . DC  A 1 6  ? -10.453 -0.689  -4.289  1.00 6.92  ? 6  DC  A "C5'" 1 
ATOM   107 C "C4'" . DC  A 1 6  ? -10.531 -1.599  -3.081  1.00 15.87 ? 6  DC  A "C4'" 1 
ATOM   108 O "O4'" . DC  A 1 6  ? -9.291  -2.320  -3.127  1.00 11.00 ? 6  DC  A "O4'" 1 
ATOM   109 C "C3'" . DC  A 1 6  ? -10.480 -0.898  -1.730  1.00 7.88  ? 6  DC  A "C3'" 1 
ATOM   110 O "O3'" . DC  A 1 6  ? -11.806 -0.546  -1.328  1.00 15.18 ? 6  DC  A "O3'" 1 
ATOM   111 C "C2'" . DC  A 1 6  ? -10.014 -2.059  -0.894  1.00 2.00  ? 6  DC  A "C2'" 1 
ATOM   112 C "C1'" . DC  A 1 6  ? -8.858  -2.556  -1.777  1.00 14.65 ? 6  DC  A "C1'" 1 
ATOM   113 N N1    . DC  A 1 6  ? -7.511  -1.951  -1.491  1.00 6.69  ? 6  DC  A N1    1 
ATOM   114 C C2    . DC  A 1 6  ? -6.784  -2.500  -0.443  1.00 15.06 ? 6  DC  A C2    1 
ATOM   115 O O2    . DC  A 1 6  ? -7.241  -3.441  0.201   1.00 6.25  ? 6  DC  A O2    1 
ATOM   116 N N3    . DC  A 1 6  ? -5.552  -1.988  -0.172  1.00 5.41  ? 6  DC  A N3    1 
ATOM   117 C C4    . DC  A 1 6  ? -5.041  -0.982  -0.898  1.00 12.65 ? 6  DC  A C4    1 
ATOM   118 N N4    . DC  A 1 6  ? -3.819  -0.494  -0.652  1.00 2.07  ? 6  DC  A N4    1 
ATOM   119 C C5    . DC  A 1 6  ? -5.770  -0.410  -1.976  1.00 11.99 ? 6  DC  A C5    1 
ATOM   120 C C6    . DC  A 1 6  ? -6.984  -0.921  -2.230  1.00 2.23  ? 6  DC  A C6    1 
ATOM   121 P P     . DC  A 1 7  ? -11.997 0.847   -0.530  1.00 18.14 ? 7  DC  A P     1 
ATOM   122 O OP1   . DC  A 1 7  ? -13.445 1.105   -0.339  1.00 16.04 ? 7  DC  A OP1   1 
ATOM   123 O OP2   . DC  A 1 7  ? -11.116 1.874   -1.129  1.00 5.18  ? 7  DC  A OP2   1 
ATOM   124 O "O5'" . DC  A 1 7  ? -11.380 0.534   0.898   1.00 13.33 ? 7  DC  A "O5'" 1 
ATOM   125 C "C5'" . DC  A 1 7  ? -11.987 -0.295  1.879   1.00 11.56 ? 7  DC  A "C5'" 1 
ATOM   126 C "C4'" . DC  A 1 7  ? -10.918 -0.591  2.913   1.00 11.43 ? 7  DC  A "C4'" 1 
ATOM   127 O "O4'" . DC  A 1 7  ? -9.736  -1.103  2.253   1.00 14.42 ? 7  DC  A "O4'" 1 
ATOM   128 C "C3'" . DC  A 1 7  ? -10.414 0.588   3.689   1.00 14.78 ? 7  DC  A "C3'" 1 
ATOM   129 O "O3'" . DC  A 1 7  ? -11.378 0.865   4.704   1.00 23.44 ? 7  DC  A "O3'" 1 
ATOM   130 C "C2'" . DC  A 1 7  ? -9.211  -0.086  4.315   1.00 4.00  ? 7  DC  A "C2'" 1 
ATOM   131 C "C1'" . DC  A 1 7  ? -8.604  -0.753  3.063   1.00 18.39 ? 7  DC  A "C1'" 1 
ATOM   132 N N1    . DC  A 1 7  ? -7.541  0.075   2.391   1.00 7.74  ? 7  DC  A N1    1 
ATOM   133 C C2    . DC  A 1 7  ? -6.285  0.050   2.972   1.00 14.05 ? 7  DC  A C2    1 
ATOM   134 O O2    . DC  A 1 7  ? -6.051  -0.673  3.942   1.00 9.61  ? 7  DC  A O2    1 
ATOM   135 N N3    . DC  A 1 7  ? -5.302  0.825   2.441   1.00 2.00  ? 7  DC  A N3    1 
ATOM   136 C C4    . DC  A 1 7  ? -5.532  1.600   1.382   1.00 7.56  ? 7  DC  A C4    1 
ATOM   137 N N4    . DC  A 1 7  ? -4.558  2.372   0.912   1.00 25.49 ? 7  DC  A N4    1 
ATOM   138 C C5    . DC  A 1 7  ? -6.822  1.640   0.754   1.00 9.10  ? 7  DC  A C5    1 
ATOM   139 C C6    . DC  A 1 7  ? -7.785  0.863   1.293   1.00 6.86  ? 7  DC  A C6    1 
HETATM 140 N N1    . 5CM A 1 8  ? -6.235  2.352   6.305   1.00 5.96  ? 8  5CM A N1    1 
HETATM 141 C C2    . 5CM A 1 8  ? -4.875  2.589   6.264   1.00 10.00 ? 8  5CM A C2    1 
HETATM 142 N N3    . 5CM A 1 8  ? -4.390  3.328   5.218   1.00 8.90  ? 8  5CM A N3    1 
HETATM 143 C C4    . 5CM A 1 8  ? -5.182  3.815   4.250   1.00 12.24 ? 8  5CM A C4    1 
HETATM 144 C C5    . 5CM A 1 8  ? -6.593  3.582   4.281   1.00 8.76  ? 8  5CM A C5    1 
HETATM 145 C C5A   . 5CM A 1 8  ? -7.560  4.132   3.235   1.00 15.13 ? 8  5CM A C5A   1 
HETATM 146 C C6    . 5CM A 1 8  ? -7.064  2.856   5.310   1.00 11.80 ? 8  5CM A C6    1 
HETATM 147 O O2    . 5CM A 1 8  ? -4.119  2.120   7.120   1.00 8.95  ? 8  5CM A O2    1 
HETATM 148 N N4    . 5CM A 1 8  ? -4.634  4.499   3.241   1.00 12.42 ? 8  5CM A N4    1 
HETATM 149 C "C1'" . 5CM A 1 8  ? -6.738  1.507   7.436   1.00 13.40 ? 8  5CM A "C1'" 1 
HETATM 150 C "C2'" . 5CM A 1 8  ? -6.912  2.257   8.763   1.00 4.02  ? 8  5CM A "C2'" 1 
HETATM 151 C "C3'" . 5CM A 1 8  ? -8.328  2.754   8.561   1.00 12.20 ? 8  5CM A "C3'" 1 
HETATM 152 C "C4'" . 5CM A 1 8  ? -8.941  1.461   8.154   1.00 9.94  ? 8  5CM A "C4'" 1 
HETATM 153 O "O4'" . 5CM A 1 8  ? -8.031  0.932   7.178   1.00 5.94  ? 8  5CM A "O4'" 1 
HETATM 154 O "O3'" . 5CM A 1 8  ? -8.881  3.077   9.806   1.00 19.04 ? 8  5CM A "O3'" 1 
HETATM 155 C "C5'" . 5CM A 1 8  ? -10.317 1.561   7.556   1.00 21.06 ? 8  5CM A "C5'" 1 
HETATM 156 O "O5'" . 5CM A 1 8  ? -10.271 2.356   6.378   1.00 12.02 ? 8  5CM A "O5'" 1 
HETATM 157 P P     . 5CM A 1 8  ? -11.484 2.347   5.338   1.00 15.78 ? 8  5CM A P     1 
HETATM 158 O OP1   . 5CM A 1 8  ? -12.751 2.426   6.101   1.00 14.61 ? 8  5CM A OP1   1 
HETATM 159 O OP2   . 5CM A 1 8  ? -11.154 3.339   4.304   1.00 7.98  ? 8  5CM A OP2   1 
ATOM   160 P P     . DG  A 1 9  ? -8.984  4.587   10.304  1.00 24.94 ? 9  DG  A P     1 
ATOM   161 O OP1   . DG  A 1 9  ? -9.827  4.554   11.511  1.00 25.50 ? 9  DG  A OP1   1 
ATOM   162 O OP2   . DG  A 1 9  ? -9.339  5.484   9.185   1.00 12.16 ? 9  DG  A OP2   1 
ATOM   163 O "O5'" . DG  A 1 9  ? -7.463  4.921   10.705  1.00 21.46 ? 9  DG  A "O5'" 1 
ATOM   164 C "C5'" . DG  A 1 9  ? -6.835  4.433   11.891  1.00 10.52 ? 9  DG  A "C5'" 1 
ATOM   165 C "C4'" . DG  A 1 9  ? -5.345  4.721   11.861  1.00 2.00  ? 9  DG  A "C4'" 1 
ATOM   166 O "O4'" . DG  A 1 9  ? -4.780  4.111   10.690  1.00 5.52  ? 9  DG  A "O4'" 1 
ATOM   167 C "C3'" . DG  A 1 9  ? -4.952  6.173   11.710  1.00 2.09  ? 9  DG  A "C3'" 1 
ATOM   168 O "O3'" . DG  A 1 9  ? -5.063  6.811   12.974  1.00 12.18 ? 9  DG  A "O3'" 1 
ATOM   169 C "C2'" . DG  A 1 9  ? -3.486  5.923   11.445  1.00 13.19 ? 9  DG  A "C2'" 1 
ATOM   170 C "C1'" . DG  A 1 9  ? -3.612  4.891   10.344  1.00 7.17  ? 9  DG  A "C1'" 1 
ATOM   171 N N9    . DG  A 1 9  ? -3.716  5.591   9.036   1.00 8.67  ? 9  DG  A N9    1 
ATOM   172 C C8    . DG  A 1 9  ? -4.794  5.765   8.197   1.00 2.00  ? 9  DG  A C8    1 
ATOM   173 N N7    . DG  A 1 9  ? -4.507  6.404   7.096   1.00 3.08  ? 9  DG  A N7    1 
ATOM   174 C C5    . DG  A 1 9  ? -3.150  6.674   7.200   1.00 2.98  ? 9  DG  A C5    1 
ATOM   175 C C6    . DG  A 1 9  ? -2.266  7.297   6.275   1.00 10.78 ? 9  DG  A C6    1 
ATOM   176 O O6    . DG  A 1 9  ? -2.497  7.677   5.134   1.00 4.47  ? 9  DG  A O6    1 
ATOM   177 N N1    . DG  A 1 9  ? -0.960  7.341   6.763   1.00 9.60  ? 9  DG  A N1    1 
ATOM   178 C C2    . DG  A 1 9  ? -0.558  6.835   7.980   1.00 2.00  ? 9  DG  A C2    1 
ATOM   179 N N2    . DG  A 1 9  ? 0.701   7.060   8.316   1.00 2.00  ? 9  DG  A N2    1 
ATOM   180 N N3    . DG  A 1 9  ? -1.387  6.226   8.839   1.00 7.43  ? 9  DG  A N3    1 
ATOM   181 C C4    . DG  A 1 9  ? -2.661  6.190   8.381   1.00 2.00  ? 9  DG  A C4    1 
ATOM   182 P P     . DG  A 1 10 ? -5.220  8.415   13.139  1.00 15.66 ? 10 DG  A P     1 
ATOM   183 O OP1   . DG  A 1 10 ? -5.344  8.689   14.583  1.00 28.02 ? 10 DG  A OP1   1 
ATOM   184 O OP2   . DG  A 1 10 ? -6.283  8.879   12.226  1.00 7.52  ? 10 DG  A OP2   1 
ATOM   185 O "O5'" . DG  A 1 10 ? -3.774  9.010   12.694  1.00 15.47 ? 10 DG  A "O5'" 1 
ATOM   186 C "C5'" . DG  A 1 10 ? -2.687  8.825   13.631  1.00 13.18 ? 10 DG  A "C5'" 1 
ATOM   187 C "C4'" . DG  A 1 10 ? -1.376  9.375   13.131  1.00 10.40 ? 10 DG  A "C4'" 1 
ATOM   188 O "O4'" . DG  A 1 10 ? -1.156  8.791   11.848  1.00 5.73  ? 10 DG  A "O4'" 1 
ATOM   189 C "C3'" . DG  A 1 10 ? -1.409  10.863  12.884  1.00 12.98 ? 10 DG  A "C3'" 1 
ATOM   190 O "O3'" . DG  A 1 10 ? -1.195  11.571  14.103  1.00 20.79 ? 10 DG  A "O3'" 1 
ATOM   191 C "C2'" . DG  A 1 10 ? -0.250  10.974  11.906  1.00 13.56 ? 10 DG  A "C2'" 1 
ATOM   192 C "C1'" . DG  A 1 10 ? -0.489  9.753   11.018  1.00 20.30 ? 10 DG  A "C1'" 1 
ATOM   193 N N9    . DG  A 1 10 ? -1.298  10.061  9.810   1.00 3.01  ? 10 DG  A N9    1 
ATOM   194 C C8    . DG  A 1 10 ? -2.634  9.927   9.604   1.00 7.70  ? 10 DG  A C8    1 
ATOM   195 N N7    . DG  A 1 10 ? -3.054  10.276  8.420   1.00 5.86  ? 10 DG  A N7    1 
ATOM   196 C C5    . DG  A 1 10 ? -1.889  10.675  7.780   1.00 9.33  ? 10 DG  A C5    1 
ATOM   197 C C6    . DG  A 1 10 ? -1.707  11.185  6.475   1.00 20.49 ? 10 DG  A C6    1 
ATOM   198 O O6    . DG  A 1 10 ? -2.553  11.380  5.601   1.00 13.53 ? 10 DG  A O6    1 
ATOM   199 N N1    . DG  A 1 10 ? -0.380  11.495  6.234   1.00 9.78  ? 10 DG  A N1    1 
ATOM   200 C C2    . DG  A 1 10 ? 0.634   11.331  7.133   1.00 3.82  ? 10 DG  A C2    1 
ATOM   201 N N2    . DG  A 1 10 ? 1.840   11.656  6.711   1.00 14.29 ? 10 DG  A N2    1 
ATOM   202 N N3    . DG  A 1 10 ? 0.474   10.848  8.371   1.00 19.12 ? 10 DG  A N3    1 
ATOM   203 C C4    . DG  A 1 10 ? -0.814  10.546  8.621   1.00 4.24  ? 10 DG  A C4    1 
ATOM   204 O "O5'" . DC  B 1 1  ? 1.977   14.370  -1.566  1.00 27.35 ? 11 DC  B "O5'" 1 
ATOM   205 C "C5'" . DC  B 1 1  ? 3.268   14.953  -1.351  1.00 19.84 ? 11 DC  B "C5'" 1 
ATOM   206 C "C4'" . DC  B 1 1  ? 4.016   14.332  -0.176  1.00 23.90 ? 11 DC  B "C4'" 1 
ATOM   207 O "O4'" . DC  B 1 1  ? 3.389   14.664  1.077   1.00 24.60 ? 11 DC  B "O4'" 1 
ATOM   208 C "C3'" . DC  B 1 1  ? 3.984   12.818  -0.313  1.00 26.70 ? 11 DC  B "C3'" 1 
ATOM   209 O "O3'" . DC  B 1 1  ? 5.266   12.301  -0.010  1.00 16.28 ? 11 DC  B "O3'" 1 
ATOM   210 C "C2'" . DC  B 1 1  ? 3.047   12.355  0.790   1.00 28.63 ? 11 DC  B "C2'" 1 
ATOM   211 C "C1'" . DC  B 1 1  ? 3.035   13.486  1.803   1.00 17.26 ? 11 DC  B "C1'" 1 
ATOM   212 N N1    . DC  B 1 1  ? 1.618   13.388  2.253   1.00 14.70 ? 11 DC  B N1    1 
ATOM   213 C C2    . DC  B 1 1  ? 1.348   12.762  3.470   1.00 14.56 ? 11 DC  B C2    1 
ATOM   214 O O2    . DC  B 1 1  ? 2.250   12.475  4.257   1.00 18.71 ? 11 DC  B O2    1 
ATOM   215 N N3    . DC  B 1 1  ? 0.060   12.495  3.783   1.00 4.87  ? 11 DC  B N3    1 
ATOM   216 C C4    . DC  B 1 1  ? -0.935  12.824  2.959   1.00 16.88 ? 11 DC  B C4    1 
ATOM   217 N N4    . DC  B 1 1  ? -2.183  12.507  3.281   1.00 24.06 ? 11 DC  B N4    1 
ATOM   218 C C5    . DC  B 1 1  ? -0.688  13.484  1.716   1.00 14.96 ? 11 DC  B C5    1 
ATOM   219 C C6    . DC  B 1 1  ? 0.595   13.745  1.411   1.00 10.97 ? 11 DC  B C6    1 
ATOM   220 P P     . DC  B 1 2  ? 5.523   10.706  -0.137  1.00 15.74 ? 12 DC  B P     1 
ATOM   221 O OP1   . DC  B 1 2  ? 6.924   10.555  -0.576  1.00 30.90 ? 12 DC  B OP1   1 
ATOM   222 O OP2   . DC  B 1 2  ? 4.444   10.053  -0.925  1.00 14.31 ? 12 DC  B OP2   1 
ATOM   223 O "O5'" . DC  B 1 2  ? 5.407   10.198  1.387   1.00 26.05 ? 12 DC  B "O5'" 1 
ATOM   224 C "C5'" . DC  B 1 2  ? 6.492   10.370  2.299   1.00 17.28 ? 12 DC  B "C5'" 1 
ATOM   225 C "C4'" . DC  B 1 2  ? 6.141   9.845   3.680   1.00 8.99  ? 12 DC  B "C4'" 1 
ATOM   226 O "O4'" . DC  B 1 2  ? 4.940   10.486  4.108   1.00 6.40  ? 12 DC  B "O4'" 1 
ATOM   227 C "C3'" . DC  B 1 2  ? 5.811   8.383   3.698   1.00 3.13  ? 12 DC  B "C3'" 1 
ATOM   228 O "O3'" . DC  B 1 2  ? 7.032   7.702   3.861   1.00 11.03 ? 12 DC  B "O3'" 1 
ATOM   229 C "C2'" . DC  B 1 2  ? 5.113   8.336   5.009   1.00 2.22  ? 12 DC  B "C2'" 1 
ATOM   230 C "C1'" . DC  B 1 2  ? 4.198   9.525   4.873   1.00 8.84  ? 12 DC  B "C1'" 1 
ATOM   231 N N1    . DC  B 1 2  ? 2.843   9.200   4.328   1.00 13.22 ? 12 DC  B N1    1 
ATOM   232 C C2    . DC  B 1 2  ? 1.905   8.719   5.225   1.00 7.20  ? 12 DC  B C2    1 
ATOM   233 O O2    . DC  B 1 2  ? 2.214   8.397   6.375   1.00 23.03 ? 12 DC  B O2    1 
ATOM   234 N N3    . DC  B 1 2  ? 0.621   8.561   4.800   1.00 4.52  ? 12 DC  B N3    1 
ATOM   235 C C4    . DC  B 1 2  ? 0.256   8.849   3.552   1.00 5.28  ? 12 DC  B C4    1 
ATOM   236 N N4    . DC  B 1 2  ? -1.017  8.693   3.192   1.00 19.91 ? 12 DC  B N4    1 
ATOM   237 C C5    . DC  B 1 2  ? 1.205   9.322   2.602   1.00 2.00  ? 12 DC  B C5    1 
ATOM   238 C C6    . DC  B 1 2  ? 2.469   9.479   3.032   1.00 11.79 ? 12 DC  B C6    1 
ATOM   239 P P     . DG  B 1 3  ? 7.204   6.249   3.243   1.00 11.85 ? 13 DG  B P     1 
ATOM   240 O OP1   . DG  B 1 3  ? 8.618   5.853   3.397   1.00 19.51 ? 13 DG  B OP1   1 
ATOM   241 O OP2   . DG  B 1 3  ? 6.600   6.297   1.897   1.00 7.62  ? 13 DG  B OP2   1 
ATOM   242 O "O5'" . DG  B 1 3  ? 6.272   5.345   4.211   1.00 2.00  ? 13 DG  B "O5'" 1 
ATOM   243 C "C5'" . DG  B 1 3  ? 6.695   4.917   5.511   1.00 3.29  ? 13 DG  B "C5'" 1 
ATOM   244 C "C4'" . DG  B 1 3  ? 5.527   4.399   6.366   1.00 14.50 ? 13 DG  B "C4'" 1 
ATOM   245 O "O4'" . DG  B 1 3  ? 4.494   5.394   6.392   1.00 20.11 ? 13 DG  B "O4'" 1 
ATOM   246 C "C3'" . DG  B 1 3  ? 4.800   3.121   5.951   1.00 16.60 ? 13 DG  B "C3'" 1 
ATOM   247 O "O3'" . DG  B 1 3  ? 5.602   2.005   6.362   1.00 22.79 ? 13 DG  B "O3'" 1 
ATOM   248 C "C2'" . DG  B 1 3  ? 3.671   3.229   6.924   1.00 11.27 ? 13 DG  B "C2'" 1 
ATOM   249 C "C1'" . DG  B 1 3  ? 3.271   4.695   6.693   1.00 20.20 ? 13 DG  B "C1'" 1 
ATOM   250 N N9    . DG  B 1 3  ? 2.282   4.811   5.605   1.00 2.00  ? 13 DG  B N9    1 
ATOM   251 C C8    . DG  B 1 3  ? 2.377   5.421   4.377   1.00 7.94  ? 13 DG  B C8    1 
ATOM   252 N N7    . DG  B 1 3  ? 1.259   5.442   3.709   1.00 5.85  ? 13 DG  B N7    1 
ATOM   253 C C5    . DG  B 1 3  ? 0.354   4.792   4.552   1.00 6.32  ? 13 DG  B C5    1 
ATOM   254 C C6    . DG  B 1 3  ? -1.035  4.564   4.409   1.00 2.00  ? 13 DG  B C6    1 
ATOM   255 O O6    . DG  B 1 3  ? -1.773  4.934   3.488   1.00 3.55  ? 13 DG  B O6    1 
ATOM   256 N N1    . DG  B 1 3  ? -1.572  3.918   5.524   1.00 4.37  ? 13 DG  B N1    1 
ATOM   257 C C2    . DG  B 1 3  ? -0.861  3.546   6.646   1.00 5.54  ? 13 DG  B C2    1 
ATOM   258 N N2    . DG  B 1 3  ? -1.508  2.930   7.646   1.00 2.84  ? 13 DG  B N2    1 
ATOM   259 N N3    . DG  B 1 3  ? 0.443   3.779   6.777   1.00 14.37 ? 13 DG  B N3    1 
ATOM   260 C C4    . DG  B 1 3  ? 0.976   4.400   5.703   1.00 12.21 ? 13 DG  B C4    1 
ATOM   261 P P     . DG  B 1 4  ? 5.667   0.613   5.534   1.00 17.92 ? 14 DG  B P     1 
ATOM   262 O OP1   . DG  B 1 4  ? 6.839   -0.166  6.002   1.00 28.69 ? 14 DG  B OP1   1 
ATOM   263 O OP2   . DG  B 1 4  ? 5.508   0.886   4.087   1.00 23.83 ? 14 DG  B OP2   1 
ATOM   264 O "O5'" . DG  B 1 4  ? 4.352   -0.125  6.057   1.00 21.15 ? 14 DG  B "O5'" 1 
ATOM   265 C "C5'" . DG  B 1 4  ? 4.341   -0.579  7.408   1.00 18.77 ? 14 DG  B "C5'" 1 
ATOM   266 C "C4'" . DG  B 1 4  ? 2.955   -0.869  7.852   1.00 21.63 ? 14 DG  B "C4'" 1 
ATOM   267 O "O4'" . DG  B 1 4  ? 2.133   0.270   7.595   1.00 20.08 ? 14 DG  B "O4'" 1 
ATOM   268 C "C3'" . DG  B 1 4  ? 2.363   -1.975  7.035   1.00 21.71 ? 14 DG  B "C3'" 1 
ATOM   269 O "O3'" . DG  B 1 4  ? 2.730   -3.183  7.711   1.00 13.23 ? 14 DG  B "O3'" 1 
ATOM   270 C "C2'" . DG  B 1 4  ? 0.914   -1.731  7.306   1.00 21.11 ? 14 DG  B "C2'" 1 
ATOM   271 C "C1'" . DG  B 1 4  ? 0.851   -0.223  7.171   1.00 9.97  ? 14 DG  B "C1'" 1 
ATOM   272 N N9    . DG  B 1 4  ? 0.496   0.224   5.805   1.00 9.31  ? 14 DG  B N9    1 
ATOM   273 C C8    . DG  B 1 4  ? 1.259   0.875   4.869   1.00 9.83  ? 14 DG  B C8    1 
ATOM   274 N N7    . DG  B 1 4  ? 0.588   1.228   3.805   1.00 9.86  ? 14 DG  B N7    1 
ATOM   275 C C5    . DG  B 1 4  ? -0.712  0.775   4.051   1.00 8.62  ? 14 DG  B C5    1 
ATOM   276 C C6    . DG  B 1 4  ? -1.912  0.985   3.311   1.00 14.00 ? 14 DG  B C6    1 
ATOM   277 O O6    . DG  B 1 4  ? -2.041  1.531   2.211   1.00 6.62  ? 14 DG  B O6    1 
ATOM   278 N N1    . DG  B 1 4  ? -3.039  0.493   3.983   1.00 3.01  ? 14 DG  B N1    1 
ATOM   279 C C2    . DG  B 1 4  ? -2.993  -0.125  5.223   1.00 2.00  ? 14 DG  B C2    1 
ATOM   280 N N2    . DG  B 1 4  ? -4.142  -0.533  5.770   1.00 2.00  ? 14 DG  B N2    1 
ATOM   281 N N3    . DG  B 1 4  ? -1.864  -0.315  5.905   1.00 10.07 ? 14 DG  B N3    1 
ATOM   282 C C4    . DG  B 1 4  ? -0.773  0.158   5.264   1.00 13.37 ? 14 DG  B C4    1 
ATOM   283 P P     . DG  B 1 5  ? 2.855   -4.544  6.893   1.00 11.01 ? 15 DG  B P     1 
ATOM   284 O OP1   . DG  B 1 5  ? 3.604   -5.525  7.702   1.00 17.37 ? 15 DG  B OP1   1 
ATOM   285 O OP2   . DG  B 1 5  ? 3.337   -4.202  5.536   1.00 18.08 ? 15 DG  B OP2   1 
ATOM   286 O "O5'" . DG  B 1 5  ? 1.329   -5.022  6.850   1.00 7.62  ? 15 DG  B "O5'" 1 
ATOM   287 C "C5'" . DG  B 1 5  ? 0.745   -5.700  7.975   1.00 2.00  ? 15 DG  B "C5'" 1 
ATOM   288 C "C4'" . DG  B 1 5  ? -0.680  -6.111  7.669   1.00 10.50 ? 15 DG  B "C4'" 1 
ATOM   289 O "O4'" . DG  B 1 5  ? -1.444  -4.924  7.411   1.00 23.59 ? 15 DG  B "O4'" 1 
ATOM   290 C "C3'" . DG  B 1 5  ? -0.760  -6.894  6.369   1.00 9.38  ? 15 DG  B "C3'" 1 
ATOM   291 O "O3'" . DG  B 1 5  ? -0.543  -8.274  6.674   1.00 5.70  ? 15 DG  B "O3'" 1 
ATOM   292 C "C2'" . DG  B 1 5  ? -2.219  -6.683  6.042   1.00 11.13 ? 15 DG  B "C2'" 1 
ATOM   293 C "C1'" . DG  B 1 5  ? -2.338  -5.180  6.319   1.00 13.52 ? 15 DG  B "C1'" 1 
ATOM   294 N N9    . DG  B 1 5  ? -2.063  -4.297  5.149   1.00 14.79 ? 15 DG  B N9    1 
ATOM   295 C C8    . DG  B 1 5  ? -0.895  -3.717  4.700   1.00 15.82 ? 15 DG  B C8    1 
ATOM   296 N N7    . DG  B 1 5  ? -1.055  -2.941  3.667   1.00 11.79 ? 15 DG  B N7    1 
ATOM   297 C C5    . DG  B 1 5  ? -2.417  -2.994  3.395   1.00 18.31 ? 15 DG  B C5    1 
ATOM   298 C C6    . DG  B 1 5  ? -3.138  -2.543  2.248   1.00 11.86 ? 15 DG  B C6    1 
ATOM   299 O O6    . DG  B 1 5  ? -2.722  -1.848  1.323   1.00 5.71  ? 15 DG  B O6    1 
ATOM   300 N N1    . DG  B 1 5  ? -4.442  -3.047  2.206   1.00 3.84  ? 15 DG  B N1    1 
ATOM   301 C C2    . DG  B 1 5  ? -4.988  -3.886  3.170   1.00 16.17 ? 15 DG  B C2    1 
ATOM   302 N N2    . DG  B 1 5  ? -6.227  -4.347  2.944   1.00 14.27 ? 15 DG  B N2    1 
ATOM   303 N N3    . DG  B 1 5  ? -4.303  -4.305  4.239   1.00 9.38  ? 15 DG  B N3    1 
ATOM   304 C C4    . DG  B 1 5  ? -3.042  -3.833  4.288   1.00 12.76 ? 15 DG  B C4    1 
ATOM   305 P P     . DC  B 1 6  ? 0.280   -9.223  5.648   1.00 22.01 ? 16 DC  B P     1 
ATOM   306 O OP1   . DC  B 1 6  ? 0.557   -10.498 6.332   1.00 21.33 ? 16 DC  B OP1   1 
ATOM   307 O OP2   . DC  B 1 6  ? 1.412   -8.478  5.046   1.00 12.89 ? 16 DC  B OP2   1 
ATOM   308 O "O5'" . DC  B 1 6  ? -0.796  -9.484  4.486   1.00 24.96 ? 16 DC  B "O5'" 1 
ATOM   309 C "C5'" . DC  B 1 6  ? -1.956  -10.301 4.671   1.00 12.35 ? 16 DC  B "C5'" 1 
ATOM   310 C "C4'" . DC  B 1 6  ? -2.959  -10.107 3.534   1.00 21.64 ? 16 DC  B "C4'" 1 
ATOM   311 O "O4'" . DC  B 1 6  ? -3.427  -8.742  3.543   1.00 3.81  ? 16 DC  B "O4'" 1 
ATOM   312 C "C3'" . DC  B 1 6  ? -2.330  -10.307 2.165   1.00 12.81 ? 16 DC  B "C3'" 1 
ATOM   313 O "O3'" . DC  B 1 6  ? -2.439  -11.695 1.848   1.00 22.61 ? 16 DC  B "O3'" 1 
ATOM   314 C "C2'" . DC  B 1 6  ? -3.332  -9.552  1.326   1.00 6.24  ? 16 DC  B "C2'" 1 
ATOM   315 C "C1'" . DC  B 1 6  ? -3.523  -8.295  2.174   1.00 13.68 ? 16 DC  B "C1'" 1 
ATOM   316 N N1    . DC  B 1 6  ? -2.667  -7.137  1.755   1.00 7.06  ? 16 DC  B N1    1 
ATOM   317 C C2    . DC  B 1 6  ? -3.135  -6.355  0.701   1.00 11.56 ? 16 DC  B C2    1 
ATOM   318 O O2    . DC  B 1 6  ? -4.199  -6.609  0.125   1.00 11.40 ? 16 DC  B O2    1 
ATOM   319 N N3    . DC  B 1 6  ? -2.361  -5.320  0.277   1.00 12.42 ? 16 DC  B N3    1 
ATOM   320 C C4    . DC  B 1 6  ? -1.175  -5.055  0.846   1.00 7.72  ? 16 DC  B C4    1 
ATOM   321 N N4    . DC  B 1 6  ? -0.419  -4.069  0.379   1.00 22.72 ? 16 DC  B N4    1 
ATOM   322 C C5    . DC  B 1 6  ? -0.689  -5.834  1.930   1.00 9.67  ? 16 DC  B C5    1 
ATOM   323 C C6    . DC  B 1 6  ? -1.458  -6.857  2.352   1.00 5.28  ? 16 DC  B C6    1 
ATOM   324 P P     . DC  B 1 7  ? -1.505  -12.397 0.735   1.00 10.76 ? 17 DC  B P     1 
ATOM   325 O OP1   . DC  B 1 7  ? -1.661  -13.871 0.821   1.00 34.43 ? 17 DC  B OP1   1 
ATOM   326 O OP2   . DC  B 1 7  ? -0.165  -11.793 0.825   1.00 20.76 ? 17 DC  B OP2   1 
ATOM   327 O "O5'" . DC  B 1 7  ? -2.179  -11.948 -0.641  1.00 19.68 ? 17 DC  B "O5'" 1 
ATOM   328 C "C5'" . DC  B 1 7  ? -3.379  -12.547 -1.142  1.00 15.99 ? 17 DC  B "C5'" 1 
ATOM   329 C "C4'" . DC  B 1 7  ? -3.785  -11.807 -2.411  1.00 13.13 ? 17 DC  B "C4'" 1 
ATOM   330 O "O4'" . DC  B 1 7  ? -3.939  -10.430 -2.043  1.00 10.50 ? 17 DC  B "O4'" 1 
ATOM   331 C "C3'" . DC  B 1 7  ? -2.708  -11.757 -3.491  1.00 13.71 ? 17 DC  B "C3'" 1 
ATOM   332 O "O3'" . DC  B 1 7  ? -2.784  -12.942 -4.269  1.00 9.14  ? 17 DC  B "O3'" 1 
ATOM   333 C "C2'" . DC  B 1 7  ? -3.267  -10.627 -4.317  1.00 17.39 ? 17 DC  B "C2'" 1 
ATOM   334 C "C1'" . DC  B 1 7  ? -3.642  -9.630  -3.213  1.00 11.48 ? 17 DC  B "C1'" 1 
ATOM   335 N N1    . DC  B 1 7  ? -2.590  -8.592  -2.999  1.00 16.56 ? 17 DC  B N1    1 
ATOM   336 C C2    . DC  B 1 7  ? -2.591  -7.464  -3.827  1.00 7.49  ? 17 DC  B C2    1 
ATOM   337 O O2    . DC  B 1 7  ? -3.406  -7.325  -4.736  1.00 9.62  ? 17 DC  B O2    1 
ATOM   338 N N3    . DC  B 1 7  ? -1.657  -6.502  -3.578  1.00 9.68  ? 17 DC  B N3    1 
ATOM   339 C C4    . DC  B 1 7  ? -0.768  -6.627  -2.581  1.00 4.76  ? 17 DC  B C4    1 
ATOM   340 N N4    . DC  B 1 7  ? 0.094   -5.654  -2.323  1.00 10.54 ? 17 DC  B N4    1 
ATOM   341 C C5    . DC  B 1 7  ? -0.747  -7.776  -1.745  1.00 9.27  ? 17 DC  B C5    1 
ATOM   342 C C6    . DC  B 1 7  ? -1.666  -8.718  -1.987  1.00 7.61  ? 17 DC  B C6    1 
HETATM 343 N N1    . 5CM B 1 8  ? -0.046  -8.828  -6.455  1.00 8.02  ? 18 5CM B N1    1 
HETATM 344 C C2    . 5CM B 1 8  ? 0.475   -7.531  -6.598  1.00 11.05 ? 18 5CM B C2    1 
HETATM 345 N N3    . 5CM B 1 8  ? 1.345   -7.095  -5.652  1.00 9.66  ? 18 5CM B N3    1 
HETATM 346 C C4    . 5CM B 1 8  ? 1.709   -7.867  -4.611  1.00 21.54 ? 18 5CM B C4    1 
HETATM 347 C C5    . 5CM B 1 8  ? 1.173   -9.174  -4.437  1.00 13.53 ? 18 5CM B C5    1 
HETATM 348 C C5A   . 5CM B 1 8  ? 1.543   -10.068 -3.258  1.00 23.81 ? 18 5CM B C5A   1 
HETATM 349 C C6    . 5CM B 1 8  ? 0.305   -9.606  -5.375  1.00 14.22 ? 18 5CM B C6    1 
HETATM 350 O O2    . 5CM B 1 8  ? 0.143   -6.790  -7.527  1.00 14.28 ? 18 5CM B O2    1 
HETATM 351 N N4    . 5CM B 1 8  ? 2.626   -7.411  -3.769  1.00 13.88 ? 18 5CM B N4    1 
HETATM 352 C "C1'" . 5CM B 1 8  ? -0.896  -9.375  -7.559  1.00 9.72  ? 18 5CM B "C1'" 1 
HETATM 353 C "C2'" . 5CM B 1 8  ? -0.035  -9.928  -8.700  1.00 16.16 ? 18 5CM B "C2'" 1 
HETATM 354 C "C3'" . 5CM B 1 8  ? -0.020  -11.422 -8.392  1.00 18.78 ? 18 5CM B "C3'" 1 
HETATM 355 C "C4'" . 5CM B 1 8  ? -1.464  -11.602 -7.992  1.00 9.90  ? 18 5CM B "C4'" 1 
HETATM 356 O "O4'" . 5CM B 1 8  ? -1.773  -10.450 -7.199  1.00 20.97 ? 18 5CM B "O4'" 1 
HETATM 357 O "O3'" . 5CM B 1 8  ? 0.168   -12.144 -9.622  1.00 20.83 ? 18 5CM B "O3'" 1 
HETATM 358 C "C5'" . 5CM B 1 8  ? -1.643  -12.831 -7.139  1.00 17.71 ? 18 5CM B "C5'" 1 
HETATM 359 O "O5'" . 5CM B 1 8  ? -0.898  -12.800 -5.928  1.00 26.81 ? 18 5CM B "O5'" 1 
HETATM 360 P P     . 5CM B 1 8  ? -1.429  -13.694 -4.705  1.00 25.70 ? 18 5CM B P     1 
HETATM 361 O OP1   . 5CM B 1 8  ? -1.852  -15.032 -5.196  1.00 21.39 ? 18 5CM B OP1   1 
HETATM 362 O OP2   . 5CM B 1 8  ? -0.432  -13.598 -3.624  1.00 20.48 ? 18 5CM B OP2   1 
ATOM   363 P P     . DG  B 1 9  ? 1.639   -12.268 -10.293 1.00 47.81 ? 19 DG  B P     1 
ATOM   364 O OP1   . DG  B 1 9  ? 1.602   -13.296 -11.349 1.00 36.07 ? 19 DG  B OP1   1 
ATOM   365 O OP2   . DG  B 1 9  ? 2.626   -12.392 -9.207  1.00 19.22 ? 19 DG  B OP2   1 
ATOM   366 O "O5'" . DG  B 1 9  ? 1.838   -10.844 -11.022 1.00 24.81 ? 19 DG  B "O5'" 1 
ATOM   367 C "C5'" . DG  B 1 9  ? 3.121   -10.366 -11.406 1.00 19.88 ? 19 DG  B "C5'" 1 
ATOM   368 C "C4'" . DG  B 1 9  ? 3.056   -8.878  -11.644 1.00 9.89  ? 19 DG  B "C4'" 1 
ATOM   369 O "O4'" . DG  B 1 9  ? 2.495   -8.271  -10.493 1.00 13.47 ? 19 DG  B "O4'" 1 
ATOM   370 C "C3'" . DG  B 1 9  ? 4.412   -8.257  -11.793 1.00 17.59 ? 19 DG  B "C3'" 1 
ATOM   371 O "O3'" . DG  B 1 9  ? 4.699   -8.290  -13.182 1.00 12.08 ? 19 DG  B "O3'" 1 
ATOM   372 C "C2'" . DG  B 1 9  ? 4.104   -6.839  -11.438 1.00 8.88  ? 19 DG  B "C2'" 1 
ATOM   373 C "C1'" . DG  B 1 9  ? 3.215   -7.060  -10.221 1.00 5.89  ? 19 DG  B "C1'" 1 
ATOM   374 N N9    . DG  B 1 9  ? 3.938   -7.224  -8.938  1.00 12.26 ? 19 DG  B N9    1 
ATOM   375 C C8    . DG  B 1 9  ? 3.814   -8.239  -8.022  1.00 10.53 ? 19 DG  B C8    1 
ATOM   376 N N7    . DG  B 1 9  ? 4.500   -8.066  -6.936  1.00 17.29 ? 19 DG  B N7    1 
ATOM   377 C C5    . DG  B 1 9  ? 5.130   -6.851  -7.134  1.00 5.82  ? 19 DG  B C5    1 
ATOM   378 C C6    . DG  B 1 9  ? 5.909   -6.094  -6.228  1.00 10.84 ? 19 DG  B C6    1 
ATOM   379 O O6    . DG  B 1 9  ? 6.291   -6.395  -5.102  1.00 15.79 ? 19 DG  B O6    1 
ATOM   380 N N1    . DG  B 1 9  ? 6.242   -4.871  -6.764  1.00 9.28  ? 19 DG  B N1    1 
ATOM   381 C C2    . DG  B 1 9  ? 5.867   -4.428  -8.010  1.00 9.68  ? 19 DG  B C2    1 
ATOM   382 N N2    . DG  B 1 9  ? 6.284   -3.226  -8.351  1.00 16.25 ? 19 DG  B N2    1 
ATOM   383 N N3    . DG  B 1 9  ? 5.134   -5.127  -8.862  1.00 5.58  ? 19 DG  B N3    1 
ATOM   384 C C4    . DG  B 1 9  ? 4.801   -6.329  -8.360  1.00 18.64 ? 19 DG  B C4    1 
ATOM   385 P P     . DG  B 1 10 ? 6.209   -8.574  -13.619 1.00 17.32 ? 20 DG  B P     1 
ATOM   386 O OP1   . DG  B 1 10 ? 6.257   -8.730  -15.087 1.00 23.37 ? 20 DG  B OP1   1 
ATOM   387 O OP2   . DG  B 1 10 ? 6.739   -9.650  -12.731 1.00 29.87 ? 20 DG  B OP2   1 
ATOM   388 O "O5'" . DG  B 1 10 ? 6.937   -7.193  -13.284 1.00 12.87 ? 20 DG  B "O5'" 1 
ATOM   389 C "C5'" . DG  B 1 10 ? 6.742   -6.083  -14.180 1.00 8.44  ? 20 DG  B "C5'" 1 
ATOM   390 C "C4'" . DG  B 1 10 ? 7.652   -4.950  -13.775 1.00 12.43 ? 20 DG  B "C4'" 1 
ATOM   391 O "O4'" . DG  B 1 10 ? 7.326   -4.673  -12.419 1.00 15.40 ? 20 DG  B "O4'" 1 
ATOM   392 C "C3'" . DG  B 1 10 ? 9.117   -5.351  -13.754 1.00 14.28 ? 20 DG  B "C3'" 1 
ATOM   393 O "O3'" . DG  B 1 10 ? 9.704   -5.132  -15.038 1.00 10.82 ? 20 DG  B "O3'" 1 
ATOM   394 C "C2'" . DG  B 1 10 ? 9.660   -4.388  -12.723 1.00 19.95 ? 20 DG  B "C2'" 1 
ATOM   395 C "C1'" . DG  B 1 10 ? 8.518   -4.352  -11.704 1.00 20.95 ? 20 DG  B "C1'" 1 
ATOM   396 N N9    . DG  B 1 10 ? 8.648   -5.178  -10.480 1.00 2.00  ? 20 DG  B N9    1 
ATOM   397 C C8    . DG  B 1 10 ? 8.236   -6.468  -10.260 1.00 12.81 ? 20 DG  B C8    1 
ATOM   398 N N7    . DG  B 1 10 ? 8.420   -6.882  -9.043  1.00 7.84  ? 20 DG  B N7    1 
ATOM   399 C C5    . DG  B 1 10 ? 8.998   -5.796  -8.409  1.00 16.60 ? 20 DG  B C5    1 
ATOM   400 C C6    . DG  B 1 10 ? 9.550   -5.731  -7.117  1.00 3.19  ? 20 DG  B C6    1 
ATOM   401 O O6    . DG  B 1 10 ? 9.490   -6.595  -6.255  1.00 13.46 ? 20 DG  B O6    1 
ATOM   402 N N1    . DG  B 1 10 ? 10.220  -4.545  -6.895  1.00 2.00  ? 20 DG  B N1    1 
ATOM   403 C C2    . DG  B 1 10 ? 10.342  -3.533  -7.815  1.00 7.75  ? 20 DG  B C2    1 
ATOM   404 N N2    . DG  B 1 10 ? 11.038  -2.472  -7.429  1.00 4.54  ? 20 DG  B N2    1 
ATOM   405 N N3    . DG  B 1 10 ? 9.811   -3.585  -9.045  1.00 12.02 ? 20 DG  B N3    1 
ATOM   406 C C4    . DG  B 1 10 ? 9.150   -4.746  -9.275  1.00 12.62 ? 20 DG  B C4    1 
HETATM 407 N N1    . SPM C 2 .  ? 2.374   8.005   -10.833 1.00 39.55 ? 21 SPM A N1    1 
HETATM 408 C C2    . SPM C 2 .  ? 2.349   7.238   -9.605  1.00 33.89 ? 21 SPM A C2    1 
HETATM 409 C C3    . SPM C 2 .  ? 3.449   7.776   -8.711  1.00 29.74 ? 21 SPM A C3    1 
HETATM 410 C C4    . SPM C 2 .  ? 3.615   7.008   -7.414  1.00 32.57 ? 21 SPM A C4    1 
HETATM 411 N N5    . SPM C 2 .  ? 4.859   7.443   -6.809  1.00 32.69 ? 21 SPM A N5    1 
HETATM 412 C C6    . SPM C 2 .  ? 4.751   7.487   -5.364  1.00 34.49 ? 21 SPM A C6    1 
HETATM 413 C C7    . SPM C 2 .  ? 6.081   7.910   -4.766  1.00 37.85 ? 21 SPM A C7    1 
HETATM 414 C C8    . SPM C 2 .  ? 6.048   8.011   -3.258  1.00 13.84 ? 21 SPM A C8    1 
HETATM 415 C C9    . SPM C 2 .  ? 7.506   7.900   -2.882  1.00 22.28 ? 21 SPM A C9    1 
HETATM 416 N N10   . SPM C 2 .  ? 7.569   7.416   -1.535  1.00 22.67 ? 21 SPM A N10   1 
HETATM 417 C C11   . SPM C 2 .  ? 8.340   6.200   -1.603  1.00 25.91 ? 21 SPM A C11   1 
HETATM 418 C C12   . SPM C 2 .  ? 7.841   5.303   -0.497  1.00 18.55 ? 21 SPM A C12   1 
HETATM 419 C C13   . SPM C 2 .  ? 7.372   3.974   -1.057  1.00 25.34 ? 21 SPM A C13   1 
HETATM 420 N N14   . SPM C 2 .  ? 6.676   3.155   -0.079  1.00 34.54 ? 21 SPM A N14   1 
HETATM 421 N N1    . SPM D 2 .  ? -8.858  2.058   16.824  1.00 41.26 ? 22 SPM A N1    1 
HETATM 422 C C2    . SPM D 2 .  ? -9.656  2.747   15.841  1.00 32.67 ? 22 SPM A C2    1 
HETATM 423 C C3    . SPM D 2 .  ? -9.482  4.222   16.094  1.00 37.25 ? 22 SPM A C3    1 
HETATM 424 C C4    . SPM D 2 .  ? -9.211  4.914   14.778  1.00 30.36 ? 22 SPM A C4    1 
HETATM 425 N N5    . SPM D 2 .  ? -9.161  6.358   14.872  1.00 44.06 ? 22 SPM A N5    1 
HETATM 426 C C6    . SPM D 2 .  ? -10.097 6.755   13.834  1.00 31.50 ? 22 SPM A C6    1 
HETATM 427 C C7    . SPM D 2 .  ? -9.921  8.175   13.365  1.00 23.33 ? 22 SPM A C7    1 
HETATM 428 C C8    . SPM D 2 .  ? -10.083 8.184   11.860  1.00 25.85 ? 22 SPM A C8    1 
HETATM 429 C C9    . SPM D 2 .  ? -9.269  9.328   11.281  1.00 33.36 ? 22 SPM A C9    1 
HETATM 430 N N10   . SPM D 2 .  ? -8.566  8.837   10.110  1.00 35.28 ? 22 SPM A N10   1 
HETATM 431 C C11   . SPM D 2 .  ? -7.990  9.929   9.341   1.00 31.82 ? 22 SPM A C11   1 
HETATM 432 C C12   . SPM D 2 .  ? -7.313  9.401   8.060   1.00 18.45 ? 22 SPM A C12   1 
HETATM 433 C C13   . SPM D 2 .  ? -6.262  10.379  7.514   1.00 26.26 ? 22 SPM A C13   1 
HETATM 434 N N14   . SPM D 2 .  ? -5.414  9.739   6.522   1.00 26.99 ? 22 SPM A N14   1 
HETATM 435 O O     . HOH E 3 .  ? -7.962  3.094   -10.346 1.00 34.91 ? 23 HOH A O     1 
HETATM 436 O O     . HOH E 3 .  ? -1.794  2.619   -6.456  1.00 16.28 ? 24 HOH A O     1 
HETATM 437 O O     . HOH E 3 .  ? -5.191  9.105   10.260  1.00 35.91 ? 27 HOH A O     1 
HETATM 438 O O     . HOH E 3 .  ? 1.181   -1.800  -2.245  1.00 31.69 ? 30 HOH A O     1 
HETATM 439 O O     . HOH E 3 .  ? 3.109   1.396   -2.068  1.00 21.91 ? 32 HOH A O     1 
HETATM 440 O O     . HOH E 3 .  ? 1.450   0.037   -4.634  1.00 13.77 ? 33 HOH A O     1 
HETATM 441 O O     . HOH E 3 .  ? -6.618  -5.711  -4.453  1.00 28.46 ? 34 HOH A O     1 
HETATM 442 O O     . HOH E 3 .  ? 0.420   5.599   10.906  1.00 23.26 ? 35 HOH A O     1 
HETATM 443 O O     . HOH E 3 .  ? -6.948  7.214   4.897   1.00 24.31 ? 36 HOH A O     1 
HETATM 444 O O     . HOH E 3 .  ? -7.497  9.879   14.592  1.00 25.22 ? 37 HOH A O     1 
HETATM 445 O O     . HOH E 3 .  ? -8.784  2.661   -2.166  1.00 23.24 ? 38 HOH A O     1 
HETATM 446 O O     . HOH E 3 .  ? -15.179 1.560   4.650   1.00 46.19 ? 40 HOH A O     1 
HETATM 447 O O     . HOH E 3 .  ? -6.788  -8.485  -5.380  1.00 35.04 ? 41 HOH A O     1 
HETATM 448 O O     . HOH E 3 .  ? -10.268 10.437  15.374  1.00 26.50 ? 44 HOH A O     1 
HETATM 449 O O     . HOH E 3 .  ? -13.094 3.805   9.885   1.00 42.90 ? 45 HOH A O     1 
HETATM 450 O O     . HOH E 3 .  ? -1.743  1.338   -1.928  1.00 35.60 ? 47 HOH A O     1 
HETATM 451 O O     . HOH E 3 .  ? -7.030  4.643   -6.207  1.00 37.57 ? 49 HOH A O     1 
HETATM 452 O O     . HOH E 3 .  ? 1.264   3.085   -5.013  1.00 30.11 ? 50 HOH A O     1 
HETATM 453 O O     . HOH E 3 .  ? -7.327  -6.149  0.382   1.00 22.07 ? 51 HOH A O     1 
HETATM 454 O O     . HOH E 3 .  ? 10.654  -2.087  1.774   1.00 29.42 ? 53 HOH A O     1 
HETATM 455 O O     . HOH E 3 .  ? -12.085 3.966   -3.688  1.00 29.52 ? 54 HOH A O     1 
HETATM 456 O O     . HOH E 3 .  ? -13.170 1.779   -4.878  1.00 33.18 ? 55 HOH A O     1 
HETATM 457 O O     . HOH E 3 .  ? 8.423   1.682   2.666   1.00 33.58 ? 56 HOH A O     1 
HETATM 458 O O     . HOH E 3 .  ? -2.884  9.656   -0.068  1.00 28.71 ? 59 HOH A O     1 
HETATM 459 O O     . HOH E 3 .  ? -6.182  4.120   -1.666  1.00 49.55 ? 67 HOH A O     1 
HETATM 460 O O     . HOH E 3 .  ? -10.853 4.561   -1.406  1.00 41.60 ? 68 HOH A O     1 
HETATM 461 O O     . HOH E 3 .  ? -3.266  10.999  16.139  1.00 33.21 ? 69 HOH A O     1 
HETATM 462 O O     . HOH E 3 .  ? 5.007   -4.229  -2.128  1.00 38.43 ? 70 HOH A O     1 
HETATM 463 O O     . HOH E 3 .  ? 6.334   -0.434  -1.086  1.00 52.45 ? 71 HOH A O     1 
HETATM 464 O O     . HOH E 3 .  ? -3.364  6.452   1.212   1.00 32.17 ? 75 HOH A O     1 
HETATM 465 O O     . HOH E 3 .  ? -1.507  10.918  -3.534  1.00 32.47 ? 76 HOH A O     1 
HETATM 466 O O     . HOH E 3 .  ? -14.117 3.208   1.665   1.00 17.93 ? 83 HOH A O     1 
HETATM 467 O O     . HOH E 3 .  ? -11.833 5.237   1.546   1.00 37.82 ? 84 HOH A O     1 
HETATM 468 O O     . HOH E 3 .  ? -9.005  7.888   -0.268  1.00 47.46 ? 85 HOH A O     1 
HETATM 469 O O     . HOH F 3 .  ? 1.543   -2.362  3.180   1.00 27.93 ? 25 HOH B O     1 
HETATM 470 O O     . HOH F 3 .  ? 0.398   6.134   1.216   1.00 15.06 ? 26 HOH B O     1 
HETATM 471 O O     . HOH F 3 .  ? 2.503   2.568   2.122   1.00 31.50 ? 28 HOH B O     1 
HETATM 472 O O     . HOH F 3 .  ? 3.816   -4.165  10.344  1.00 42.12 ? 29 HOH B O     1 
HETATM 473 O O     . HOH F 3 .  ? 1.970   -13.363 -4.521  1.00 13.71 ? 31 HOH B O     1 
HETATM 474 O O     . HOH F 3 .  ? 8.599   -7.367  -16.389 1.00 26.01 ? 39 HOH B O     1 
HETATM 475 O O     . HOH F 3 .  ? 2.438   -6.381  2.852   1.00 20.90 ? 42 HOH B O     1 
HETATM 476 O O     . HOH F 3 .  ? 3.606   7.113   -0.210  1.00 25.87 ? 43 HOH B O     1 
HETATM 477 O O     . HOH F 3 .  ? -0.997  3.643   0.891   1.00 34.19 ? 46 HOH B O     1 
HETATM 478 O O     . HOH F 3 .  ? -0.077  -0.300  0.779   1.00 29.65 ? 48 HOH B O     1 
HETATM 479 O O     . HOH F 3 .  ? 12.231  2.190   3.831   1.00 24.01 ? 52 HOH B O     1 
HETATM 480 O O     . HOH F 3 .  ? 2.669   -6.074  11.822  1.00 29.57 ? 57 HOH B O     1 
HETATM 481 O O     . HOH F 3 .  ? 6.483   -3.412  7.065   1.00 30.28 ? 58 HOH B O     1 
HETATM 482 O O     . HOH F 3 .  ? 7.331   -9.500  -9.302  1.00 40.83 ? 60 HOH B O     1 
HETATM 483 O O     . HOH F 3 .  ? 9.329   -9.475  -4.251  1.00 26.17 ? 61 HOH B O     1 
HETATM 484 O O     . HOH F 3 .  ? 6.400   -8.652  -3.494  1.00 45.28 ? 62 HOH B O     1 
HETATM 485 O O     . HOH F 3 .  ? 1.684   -9.597  0.297   1.00 26.27 ? 63 HOH B O     1 
HETATM 486 O O     . HOH F 3 .  ? 9.231   11.844  -0.909  1.00 27.62 ? 64 HOH B O     1 
HETATM 487 O O     . HOH F 3 .  ? 3.304   -14.055 -6.867  1.00 39.98 ? 65 HOH B O     1 
HETATM 488 O O     . HOH F 3 .  ? 11.182  4.841   3.470   1.00 27.16 ? 66 HOH B O     1 
HETATM 489 O O     . HOH F 3 .  ? 5.096   -10.573 -5.102  1.00 39.68 ? 72 HOH B O     1 
HETATM 490 O O     . HOH F 3 .  ? 0.063   -12.365 -13.344 1.00 37.39 ? 73 HOH B O     1 
HETATM 491 O O     . HOH F 3 .  ? -6.031  -9.206  -0.662  1.00 44.55 ? 74 HOH B O     1 
HETATM 492 O O     . HOH F 3 .  ? -6.351  -12.806 -5.468  1.00 32.10 ? 77 HOH B O     1 
HETATM 493 O O     . HOH F 3 .  ? -1.119  -16.489 -0.248  1.00 33.77 ? 78 HOH B O     1 
HETATM 494 O O     . HOH F 3 .  ? 3.765   -13.244 -2.565  1.00 31.75 ? 79 HOH B O     1 
HETATM 495 O O     . HOH F 3 .  ? 5.471   -9.697  5.360   1.00 33.67 ? 80 HOH B O     1 
HETATM 496 O O     . HOH F 3 .  ? 5.437   -3.558  3.301   1.00 29.12 ? 81 HOH B O     1 
HETATM 497 O O     . HOH F 3 .  ? 10.205  2.799   5.239   1.00 18.84 ? 82 HOH B O     1 
# 
